data_5X7H
#
_entry.id   5X7H
#
_cell.length_a   112.844
_cell.length_b   112.844
_cell.length_c   122.275
_cell.angle_alpha   90.00
_cell.angle_beta   90.00
_cell.angle_gamma   120.00
#
_symmetry.space_group_name_H-M   'P 31 2 1'
#
loop_
_entity.id
_entity.type
_entity.pdbx_description
1 polymer 'Cycloisomaltooligosaccharide glucanotransferase'
2 branched alpha-D-glucopyranose-(1-6)-alpha-D-glucopyranose-(1-6)-alpha-D-glucopyranose-(1-6)-alpha-D-glucopyranose-(1-6)-alpha-D-glucopyranose-(1-6)-alpha-D-glucopyranose-(1-6)-alpha-D-glucopyranose
3 branched alpha-D-glucopyranose-(1-6)-alpha-D-glucopyranose-(1-6)-alpha-D-glucopyranose
4 non-polymer 'CALCIUM ION'
5 non-polymer 'SODIUM ION'
6 non-polymer 'MALONATE ION'
7 water water
#
_entity_poly.entity_id   1
_entity_poly.type   'polypeptide(L)'
_entity_poly.pdbx_seq_one_letter_code
;MGSSHHHHHHSSGLVPRGSHMASGDVERVYTDKSRYDPGDPVTITAQVRNTDSIAWTGTVQLRIAHLEDQVHTASQTVTI
GGGQTEDVQFTWTSPATDFKGYLADIDAGALGSGTTAIDVSSDFARYPRYGYVSEFHPDETAAESAAKIDELAQDYKINA
WQFYDWMWRHETMIKRTGSAIDSTWIDLFNREISWQTIQNQIDAVHDQNGAAMAYAMIYAAREDYESYGVDSEWGIYQDP
NHLQQLDVDFGNNSTYMYLFNPANTDWQSFIHAQYLDAINTAGFDGIHVDQMGQRNNVYDYWGNPLNFPATFTPFINEAK
STLTANNSDKDRITYNIVDGTVDGWAANEVSGGADVDFLYSEIWHLSDSYIQLKDYIDSLKANSGNKAVVLAAYMNYREN
IGDRYEAESAALTNTATNNNHSGYTGSGFVDQFADPGDAVTFSITVPEEGYYSLVFRFANNSGFTATRNLYVDSAFEIEL
PFQNQPSWSAWSHETWHQVYLTPGTHTIKLAYDAGNVGAINLDSLTLGTFDPHSIRLANAMMAASGATHIELGEDSQMLA
HEYYPNRSKSMRSELKEALKQHYNFITAYENLLFDPDVVDNDSGSQFVNLDMVSASGDASPNTVWHQVKRTPEYNIVHFI
NLANNDNQWRNSANPPTLHTNIATKVYVSPDETISGVYLASPDHDDNRTQSLAYTTGTDIHGDYVAFTLPSLEYWSMVYM
;
_entity_poly.pdbx_strand_id   A
#
loop_
_chem_comp.id
_chem_comp.type
_chem_comp.name
_chem_comp.formula
CA non-polymer 'CALCIUM ION' 'Ca 2'
GLC D-saccharide, alpha linking alpha-D-glucopyranose 'C6 H12 O6'
MLI non-polymer 'MALONATE ION' 'C3 H2 O4 -2'
NA non-polymer 'SODIUM ION' 'Na 1'
#
# COMPACT_ATOMS: atom_id res chain seq x y z
N MET A 21 -24.25 -35.93 -2.92
CA MET A 21 -24.06 -34.54 -3.47
C MET A 21 -23.71 -33.59 -2.32
N ALA A 22 -22.40 -33.39 -2.10
CA ALA A 22 -21.86 -32.54 -1.01
C ALA A 22 -20.98 -31.42 -1.60
N SER A 23 -21.20 -30.17 -1.19
CA SER A 23 -20.53 -29.03 -1.83
C SER A 23 -20.49 -27.78 -0.97
N GLY A 24 -19.65 -26.85 -1.41
CA GLY A 24 -19.28 -25.69 -0.60
C GLY A 24 -17.86 -25.26 -0.86
N ASP A 25 -17.46 -24.16 -0.24
CA ASP A 25 -16.12 -23.65 -0.36
C ASP A 25 -15.68 -23.00 0.94
N VAL A 26 -14.37 -22.80 1.01
CA VAL A 26 -13.68 -22.20 2.12
C VAL A 26 -13.48 -20.78 1.67
N GLU A 27 -14.22 -19.87 2.28
CA GLU A 27 -14.27 -18.50 1.82
C GLU A 27 -13.08 -17.68 2.25
N ARG A 28 -12.77 -17.76 3.53
CA ARG A 28 -11.68 -17.02 4.13
C ARG A 28 -10.91 -17.94 5.12
N VAL A 29 -9.61 -17.73 5.23
CA VAL A 29 -8.84 -18.32 6.29
C VAL A 29 -8.01 -17.18 6.85
N TYR A 30 -8.03 -17.02 8.16
CA TYR A 30 -7.26 -16.00 8.82
C TYR A 30 -6.79 -16.44 10.20
N THR A 31 -5.92 -15.66 10.82
CA THR A 31 -5.48 -15.89 12.18
C THR A 31 -6.03 -14.75 13.04
N ASP A 32 -5.90 -14.87 14.34
CA ASP A 32 -6.46 -13.86 15.25
C ASP A 32 -5.56 -12.62 15.46
N LYS A 33 -4.30 -12.70 15.05
CA LYS A 33 -3.34 -11.59 15.10
C LYS A 33 -2.52 -11.65 13.83
N SER A 34 -2.08 -10.48 13.39
CA SER A 34 -1.18 -10.36 12.24
C SER A 34 0.23 -10.82 12.57
N ARG A 35 0.56 -10.78 13.84
CA ARG A 35 1.90 -11.04 14.31
C ARG A 35 1.84 -11.67 15.72
N TYR A 36 2.66 -12.69 15.93
CA TYR A 36 2.74 -13.39 17.21
C TYR A 36 4.16 -13.32 17.77
N ASP A 37 4.25 -13.21 19.10
CA ASP A 37 5.45 -13.51 19.87
C ASP A 37 5.67 -15.02 19.92
N PRO A 38 6.94 -15.48 19.88
CA PRO A 38 7.18 -16.92 19.97
C PRO A 38 6.50 -17.51 21.19
N GLY A 39 5.83 -18.65 21.01
CA GLY A 39 5.10 -19.29 22.09
C GLY A 39 3.68 -18.77 22.34
N ASP A 40 3.26 -17.69 21.69
CA ASP A 40 1.85 -17.34 21.68
C ASP A 40 0.98 -18.41 21.01
N PRO A 41 -0.24 -18.61 21.53
CA PRO A 41 -1.24 -19.41 20.82
C PRO A 41 -1.77 -18.64 19.63
N VAL A 42 -1.90 -19.40 18.54
CA VAL A 42 -2.42 -18.94 17.27
C VAL A 42 -3.79 -19.59 17.10
N THR A 43 -4.84 -18.78 16.94
CA THR A 43 -6.17 -19.26 16.52
C THR A 43 -6.30 -19.04 15.00
N ILE A 44 -6.36 -20.14 14.25
CA ILE A 44 -6.51 -20.18 12.80
C ILE A 44 -7.95 -20.55 12.51
N THR A 45 -8.67 -19.67 11.80
CA THR A 45 -10.09 -19.83 11.52
C THR A 45 -10.33 -19.96 10.02
N ALA A 46 -11.07 -21.01 9.65
CA ALA A 46 -11.53 -21.24 8.27
C ALA A 46 -12.99 -20.92 8.26
N GLN A 47 -13.40 -20.05 7.36
CA GLN A 47 -14.80 -19.62 7.31
C GLN A 47 -15.45 -20.46 6.21
N VAL A 48 -16.02 -21.60 6.59
CA VAL A 48 -16.44 -22.63 5.64
C VAL A 48 -17.95 -22.55 5.36
N ARG A 49 -18.32 -22.50 4.08
CA ARG A 49 -19.71 -22.39 3.67
C ARG A 49 -20.17 -23.70 3.04
N ASN A 50 -21.28 -24.23 3.55
CA ASN A 50 -22.01 -25.32 2.87
C ASN A 50 -22.98 -24.72 1.84
N THR A 51 -22.71 -24.95 0.55
CA THR A 51 -23.59 -24.48 -0.56
C THR A 51 -24.72 -25.45 -0.92
N ASP A 52 -24.66 -26.66 -0.38
CA ASP A 52 -25.68 -27.63 -0.49
C ASP A 52 -26.91 -27.26 0.34
N SER A 53 -28.02 -27.93 0.06
CA SER A 53 -29.29 -27.68 0.70
C SER A 53 -29.39 -28.33 2.06
N ILE A 54 -28.65 -29.42 2.26
CA ILE A 54 -28.65 -30.11 3.53
C ILE A 54 -27.30 -30.03 4.25
N ALA A 55 -27.38 -30.19 5.57
CA ALA A 55 -26.23 -30.10 6.45
C ALA A 55 -25.18 -31.13 6.08
N TRP A 56 -23.91 -30.70 6.16
CA TRP A 56 -22.75 -31.54 5.90
C TRP A 56 -22.07 -31.90 7.20
N THR A 57 -21.56 -33.13 7.26
CA THR A 57 -20.76 -33.59 8.39
C THR A 57 -19.51 -34.30 7.90
N GLY A 58 -18.37 -33.74 8.29
CA GLY A 58 -17.09 -34.30 7.89
C GLY A 58 -15.89 -33.78 8.66
N THR A 59 -14.75 -34.24 8.20
CA THR A 59 -13.46 -33.99 8.79
C THR A 59 -12.88 -32.72 8.15
N VAL A 60 -12.47 -31.79 8.97
CA VAL A 60 -11.68 -30.65 8.51
C VAL A 60 -10.22 -30.78 9.02
N GLN A 61 -9.29 -30.89 8.09
CA GLN A 61 -7.85 -31.10 8.36
C GLN A 61 -7.13 -29.74 8.44
N LEU A 62 -6.24 -29.59 9.43
CA LEU A 62 -5.23 -28.49 9.49
C LEU A 62 -3.84 -29.08 9.27
N ARG A 63 -3.09 -28.46 8.38
CA ARG A 63 -1.69 -28.77 8.11
C ARG A 63 -0.88 -27.45 8.15
N ILE A 64 0.10 -27.37 9.02
CA ILE A 64 0.96 -26.17 9.08
C ILE A 64 2.37 -26.50 8.62
N ALA A 65 2.83 -25.72 7.64
CA ALA A 65 4.16 -25.90 7.07
C ALA A 65 5.06 -24.78 7.49
N HIS A 66 6.36 -25.04 7.51
CA HIS A 66 7.39 -23.99 7.54
C HIS A 66 8.22 -24.34 6.34
N LEU A 67 8.21 -23.45 5.36
CA LEU A 67 8.88 -23.68 4.08
C LEU A 67 8.46 -25.05 3.52
N GLU A 68 9.37 -26.02 3.40
CA GLU A 68 9.06 -27.23 2.70
C GLU A 68 8.64 -28.38 3.65
N ASP A 69 8.63 -28.17 4.95
CA ASP A 69 8.31 -29.23 5.91
C ASP A 69 6.97 -29.06 6.50
N GLN A 70 6.32 -30.18 6.79
CA GLN A 70 5.02 -30.22 7.43
C GLN A 70 5.27 -30.34 8.93
N VAL A 71 4.97 -29.29 9.70
CA VAL A 71 5.38 -29.26 11.12
C VAL A 71 4.28 -29.56 12.14
N HIS A 72 3.02 -29.48 11.74
CA HIS A 72 1.90 -29.76 12.67
C HIS A 72 0.72 -30.26 11.87
N THR A 73 -0.07 -31.19 12.43
CA THR A 73 -1.37 -31.57 11.86
C THR A 73 -2.42 -31.67 12.95
N ALA A 74 -3.66 -31.43 12.54
CA ALA A 74 -4.78 -31.46 13.47
C ALA A 74 -6.06 -31.67 12.66
N SER A 75 -7.09 -32.22 13.33
CA SER A 75 -8.37 -32.62 12.75
C SER A 75 -9.49 -32.29 13.69
N GLN A 76 -10.66 -32.04 13.14
CA GLN A 76 -11.89 -32.06 13.93
C GLN A 76 -13.03 -32.45 12.97
N THR A 77 -14.08 -33.05 13.51
CA THR A 77 -15.28 -33.24 12.71
C THR A 77 -16.24 -32.11 13.11
N VAL A 78 -16.99 -31.68 12.12
CA VAL A 78 -17.75 -30.47 12.24
C VAL A 78 -19.02 -30.68 11.39
N THR A 79 -20.10 -30.06 11.82
CA THR A 79 -21.38 -30.16 11.10
C THR A 79 -21.74 -28.74 10.63
N ILE A 80 -21.88 -28.54 9.33
CA ILE A 80 -22.29 -27.22 8.83
C ILE A 80 -23.67 -27.29 8.13
N GLY A 81 -24.63 -26.50 8.63
CA GLY A 81 -25.98 -26.46 8.08
C GLY A 81 -26.02 -26.11 6.60
N GLY A 82 -27.02 -26.62 5.89
CA GLY A 82 -27.27 -26.18 4.51
C GLY A 82 -27.47 -24.69 4.34
N GLY A 83 -26.79 -24.13 3.33
CA GLY A 83 -26.72 -22.68 3.13
C GLY A 83 -25.91 -21.89 4.16
N GLN A 84 -25.37 -22.52 5.20
CA GLN A 84 -24.74 -21.80 6.30
C GLN A 84 -23.24 -21.65 6.05
N THR A 85 -22.63 -20.66 6.71
CA THR A 85 -21.17 -20.66 6.90
C THR A 85 -20.85 -20.76 8.40
N GLU A 86 -19.81 -21.54 8.72
CA GLU A 86 -19.37 -21.75 10.08
C GLU A 86 -17.87 -21.50 10.17
N ASP A 87 -17.46 -20.87 11.28
CA ASP A 87 -16.06 -20.64 11.61
C ASP A 87 -15.46 -21.90 12.21
N VAL A 88 -14.61 -22.59 11.46
CA VAL A 88 -13.87 -23.75 11.98
C VAL A 88 -12.51 -23.28 12.56
N GLN A 89 -12.35 -23.39 13.87
CA GLN A 89 -11.17 -22.89 14.59
C GLN A 89 -10.27 -24.04 15.08
N PHE A 90 -8.98 -23.84 14.89
CA PHE A 90 -7.95 -24.61 15.50
C PHE A 90 -7.07 -23.68 16.32
N THR A 91 -6.35 -24.25 17.27
CA THR A 91 -5.43 -23.54 18.11
C THR A 91 -4.06 -24.20 17.96
N TRP A 92 -3.02 -23.38 17.95
CA TRP A 92 -1.65 -23.87 17.81
C TRP A 92 -0.70 -22.98 18.57
N THR A 93 0.20 -23.62 19.31
CA THR A 93 1.21 -22.93 20.06
C THR A 93 2.35 -22.74 19.08
N SER A 94 2.66 -21.47 18.84
CA SER A 94 3.71 -21.14 17.90
C SER A 94 5.02 -21.71 18.45
N PRO A 95 5.88 -22.24 17.58
CA PRO A 95 7.19 -22.61 18.04
C PRO A 95 7.95 -21.44 18.64
N ALA A 96 8.96 -21.78 19.41
CA ALA A 96 9.61 -20.87 20.33
C ALA A 96 10.71 -20.06 19.70
N THR A 97 11.09 -20.45 18.49
CA THR A 97 12.09 -19.74 17.74
C THR A 97 11.55 -18.46 17.07
N ASP A 98 12.17 -17.33 17.37
CA ASP A 98 11.76 -16.05 16.81
C ASP A 98 12.01 -15.95 15.31
N PHE A 99 11.31 -15.00 14.67
CA PHE A 99 11.46 -14.70 13.24
C PHE A 99 11.26 -15.91 12.29
N LYS A 100 10.05 -16.45 12.36
CA LYS A 100 9.64 -17.56 11.54
C LYS A 100 8.25 -17.31 10.91
N GLY A 101 8.20 -17.48 9.58
CA GLY A 101 6.97 -17.52 8.78
C GLY A 101 6.50 -18.96 8.58
N TYR A 102 5.19 -19.16 8.61
CA TYR A 102 4.60 -20.47 8.44
C TYR A 102 3.38 -20.36 7.53
N LEU A 103 3.05 -21.43 6.81
CA LEU A 103 1.77 -21.54 6.07
C LEU A 103 0.77 -22.52 6.71
N ALA A 104 -0.35 -22.00 7.19
CA ALA A 104 -1.46 -22.81 7.73
C ALA A 104 -2.46 -23.18 6.64
N ASP A 105 -2.76 -24.46 6.50
CA ASP A 105 -3.60 -24.98 5.40
C ASP A 105 -4.80 -25.75 5.93
N ILE A 106 -6.01 -25.22 5.77
CA ILE A 106 -7.22 -25.93 6.17
C ILE A 106 -7.89 -26.56 4.97
N ASP A 107 -8.20 -27.83 5.10
CA ASP A 107 -8.77 -28.65 4.01
C ASP A 107 -10.07 -29.22 4.55
N ALA A 108 -11.17 -28.91 3.88
CA ALA A 108 -12.47 -29.44 4.29
C ALA A 108 -13.03 -30.37 3.18
N GLY A 109 -12.14 -31.06 2.48
CA GLY A 109 -12.49 -32.05 1.46
C GLY A 109 -13.38 -31.50 0.37
N ALA A 110 -14.59 -32.03 0.30
CA ALA A 110 -15.57 -31.63 -0.70
C ALA A 110 -15.97 -30.16 -0.59
N LEU A 111 -15.82 -29.58 0.60
CA LEU A 111 -16.15 -28.16 0.80
C LEU A 111 -14.95 -27.23 0.56
N GLY A 112 -13.90 -27.74 -0.11
CA GLY A 112 -12.77 -26.90 -0.48
C GLY A 112 -11.76 -26.71 0.62
N SER A 113 -10.79 -25.85 0.31
CA SER A 113 -9.61 -25.64 1.15
C SER A 113 -9.08 -24.23 1.01
N GLY A 114 -8.19 -23.84 1.91
CA GLY A 114 -7.73 -22.44 2.01
C GLY A 114 -6.50 -22.32 2.90
N THR A 115 -5.70 -21.26 2.69
CA THR A 115 -4.49 -21.12 3.49
C THR A 115 -4.37 -19.75 4.07
N THR A 116 -3.53 -19.62 5.10
CA THR A 116 -3.11 -18.32 5.58
C THR A 116 -1.74 -18.42 6.24
N ALA A 117 -1.01 -17.33 6.21
CA ALA A 117 0.31 -17.27 6.80
C ALA A 117 0.18 -17.03 8.28
N ILE A 118 1.22 -17.45 8.99
CA ILE A 118 1.38 -17.13 10.41
C ILE A 118 2.77 -16.50 10.54
N ASP A 119 2.81 -15.34 11.17
CA ASP A 119 4.04 -14.60 11.35
C ASP A 119 4.46 -14.58 12.83
N VAL A 120 5.53 -15.32 13.15
CA VAL A 120 6.12 -15.34 14.50
C VAL A 120 7.29 -14.38 14.45
N SER A 121 7.16 -13.28 15.15
CA SER A 121 8.10 -12.16 15.13
C SER A 121 7.90 -11.41 16.40
N SER A 122 8.96 -11.23 17.18
CA SER A 122 8.87 -10.46 18.42
C SER A 122 8.92 -8.96 18.13
N ASP A 123 9.35 -8.62 16.92
CA ASP A 123 9.63 -7.27 16.48
C ASP A 123 9.12 -7.14 15.05
N PHE A 124 8.03 -6.41 14.91
CA PHE A 124 7.42 -6.15 13.60
C PHE A 124 8.35 -5.44 12.60
N ALA A 125 9.29 -4.64 13.10
CA ALA A 125 10.19 -3.91 12.23
C ALA A 125 11.11 -4.79 11.41
N ARG A 126 11.26 -6.05 11.79
CA ARG A 126 11.96 -7.01 10.95
C ARG A 126 11.19 -7.32 9.67
N TYR A 127 9.87 -7.45 9.77
CA TYR A 127 9.02 -7.73 8.63
C TYR A 127 7.82 -6.80 8.57
N PRO A 128 8.07 -5.52 8.33
CA PRO A 128 6.91 -4.60 8.27
C PRO A 128 6.07 -4.88 7.06
N ARG A 129 4.77 -4.93 7.29
CA ARG A 129 3.73 -4.93 6.26
C ARG A 129 2.79 -3.76 6.65
N TYR A 130 3.03 -2.61 6.01
CA TYR A 130 2.57 -1.33 6.45
C TYR A 130 1.33 -0.90 5.67
N GLY A 131 0.23 -0.61 6.40
CA GLY A 131 -1.01 -0.11 5.83
C GLY A 131 -1.21 1.31 6.31
N TYR A 132 -2.40 1.87 6.08
CA TYR A 132 -2.69 3.21 6.53
C TYR A 132 -4.14 3.37 7.00
N VAL A 133 -4.38 4.41 7.77
CA VAL A 133 -5.68 4.85 8.20
C VAL A 133 -5.65 6.30 7.83
N SER A 134 -6.63 6.78 7.11
CA SER A 134 -6.72 8.21 6.82
C SER A 134 -8.06 8.85 7.23
N GLU A 135 -9.01 8.02 7.67
CA GLU A 135 -10.40 8.44 7.98
C GLU A 135 -10.69 8.30 9.48
N PHE A 136 -11.17 9.41 10.06
CA PHE A 136 -11.30 9.60 11.51
C PHE A 136 -12.65 10.25 11.88
N HIS A 137 -13.69 9.83 11.18
CA HIS A 137 -14.96 10.52 11.23
C HIS A 137 -15.67 10.32 12.56
N PRO A 138 -16.32 11.38 13.09
CA PRO A 138 -17.12 11.18 14.29
C PRO A 138 -18.19 10.10 14.14
N ASP A 139 -18.70 9.88 12.94
CA ASP A 139 -19.72 8.85 12.71
C ASP A 139 -19.13 7.45 12.47
N GLU A 140 -17.81 7.29 12.59
CA GLU A 140 -17.25 5.96 12.48
C GLU A 140 -17.49 5.27 13.83
N THR A 141 -18.29 4.20 13.82
CA THR A 141 -18.51 3.43 15.06
C THR A 141 -17.29 2.58 15.35
N ALA A 142 -17.21 2.05 16.56
CA ALA A 142 -16.04 1.23 16.95
C ALA A 142 -16.06 -0.12 16.24
N ALA A 143 -17.23 -0.59 15.88
CA ALA A 143 -17.36 -1.72 14.98
C ALA A 143 -16.65 -1.45 13.67
N GLU A 144 -16.92 -0.27 13.12
CA GLU A 144 -16.40 0.07 11.81
C GLU A 144 -14.86 0.22 11.87
N SER A 145 -14.38 0.91 12.91
CA SER A 145 -12.96 1.01 13.21
C SER A 145 -12.30 -0.36 13.28
N ALA A 146 -12.94 -1.24 14.04
CA ALA A 146 -12.39 -2.56 14.29
C ALA A 146 -12.42 -3.39 13.01
N ALA A 147 -13.52 -3.28 12.26
CA ALA A 147 -13.71 -4.11 11.11
C ALA A 147 -12.68 -3.79 10.03
N LYS A 148 -12.36 -2.51 9.86
CA LYS A 148 -11.41 -2.10 8.82
C LYS A 148 -9.98 -2.52 9.19
N ILE A 149 -9.67 -2.45 10.48
CA ILE A 149 -8.37 -2.87 10.96
C ILE A 149 -8.26 -4.41 10.85
N ASP A 150 -9.31 -5.11 11.28
CA ASP A 150 -9.34 -6.55 11.23
C ASP A 150 -9.21 -7.08 9.80
N GLU A 151 -9.85 -6.40 8.84
CA GLU A 151 -9.80 -6.85 7.43
C GLU A 151 -8.38 -6.80 6.87
N LEU A 152 -7.70 -5.68 7.09
CA LEU A 152 -6.31 -5.56 6.67
C LEU A 152 -5.41 -6.59 7.33
N ALA A 153 -5.66 -6.85 8.60
CA ALA A 153 -4.80 -7.78 9.33
C ALA A 153 -5.04 -9.19 8.84
N GLN A 154 -6.30 -9.58 8.83
CA GLN A 154 -6.70 -10.94 8.53
C GLN A 154 -6.39 -11.34 7.12
N ASP A 155 -6.65 -10.41 6.20
CA ASP A 155 -6.56 -10.66 4.78
C ASP A 155 -5.18 -10.41 4.23
N TYR A 156 -4.51 -9.36 4.67
CA TYR A 156 -3.20 -9.01 4.09
C TYR A 156 -2.06 -9.02 5.10
N LYS A 157 -2.28 -9.60 6.28
CA LYS A 157 -1.25 -9.70 7.35
C LYS A 157 -0.64 -8.35 7.77
N ILE A 158 -1.40 -7.26 7.65
CA ILE A 158 -0.89 -5.91 7.98
C ILE A 158 -0.54 -5.88 9.46
N ASN A 159 0.70 -5.53 9.76
CA ASN A 159 1.17 -5.52 11.15
C ASN A 159 1.51 -4.12 11.64
N ALA A 160 1.36 -3.12 10.78
CA ALA A 160 1.56 -1.72 11.17
C ALA A 160 0.76 -0.79 10.28
N TRP A 161 0.31 0.31 10.88
CA TRP A 161 -0.62 1.24 10.24
C TRP A 161 -0.11 2.67 10.42
N GLN A 162 0.04 3.40 9.30
CA GLN A 162 0.38 4.81 9.34
C GLN A 162 -0.90 5.61 9.48
N PHE A 163 -1.05 6.38 10.56
CA PHE A 163 -2.27 7.17 10.72
C PHE A 163 -2.01 8.51 10.04
N TYR A 164 -2.54 8.69 8.84
CA TYR A 164 -2.30 9.89 8.04
C TYR A 164 -3.31 11.03 8.32
N ASP A 165 -2.79 12.19 8.72
CA ASP A 165 -3.60 13.40 8.90
C ASP A 165 -4.64 13.27 9.98
N TRP A 166 -4.22 12.61 11.05
CA TRP A 166 -4.97 12.45 12.31
C TRP A 166 -4.93 13.74 13.16
N MET A 167 -3.85 14.51 12.97
CA MET A 167 -3.53 15.68 13.80
C MET A 167 -4.36 16.92 13.49
N TRP A 168 -4.35 17.85 14.43
CA TRP A 168 -5.10 19.10 14.32
C TRP A 168 -4.25 20.08 13.55
N ARG A 169 -3.08 20.37 14.12
CA ARG A 169 -2.09 21.20 13.48
C ARG A 169 -0.74 20.45 13.46
N HIS A 170 0.11 20.75 12.47
CA HIS A 170 1.38 20.05 12.31
C HIS A 170 2.29 20.22 13.52
N GLU A 171 2.17 21.38 14.15
CA GLU A 171 2.96 21.67 15.35
C GLU A 171 2.20 21.47 16.68
N THR A 172 0.87 21.60 16.66
CA THR A 172 0.05 21.39 17.85
C THR A 172 -0.94 20.27 17.53
N MET A 173 -0.59 19.06 17.91
CA MET A 173 -1.15 17.87 17.28
C MET A 173 -2.46 17.49 17.89
N ILE A 174 -2.56 17.63 19.22
CA ILE A 174 -3.80 17.39 19.93
C ILE A 174 -4.39 18.72 20.33
N LYS A 175 -5.66 18.92 20.04
CA LYS A 175 -6.34 20.19 20.28
C LYS A 175 -7.01 20.13 21.66
N ARG A 176 -6.51 21.00 22.53
CA ARG A 176 -7.03 21.10 23.88
C ARG A 176 -7.68 22.46 24.16
N THR A 177 -8.71 22.43 24.99
CA THR A 177 -9.29 23.63 25.59
C THR A 177 -8.99 23.45 27.07
N GLY A 178 -7.96 24.16 27.54
CA GLY A 178 -7.46 23.99 28.87
C GLY A 178 -6.64 22.73 28.88
N SER A 179 -7.04 21.80 29.74
CA SER A 179 -6.43 20.46 29.84
C SER A 179 -7.41 19.36 29.39
N ALA A 180 -8.60 19.76 28.93
CA ALA A 180 -9.54 18.85 28.27
C ALA A 180 -9.11 18.70 26.81
N ILE A 181 -9.17 17.47 26.32
CA ILE A 181 -8.94 17.21 24.91
C ILE A 181 -10.30 17.44 24.24
N ASP A 182 -10.37 18.34 23.25
CA ASP A 182 -11.59 18.51 22.44
C ASP A 182 -12.00 17.16 21.78
N SER A 183 -13.29 17.00 21.55
CA SER A 183 -13.87 15.77 21.02
C SER A 183 -13.60 15.63 19.55
N THR A 184 -13.64 16.77 18.84
CA THR A 184 -13.38 16.81 17.41
C THR A 184 -12.50 17.99 17.09
N TRP A 185 -11.86 17.93 15.95
CA TRP A 185 -11.19 19.10 15.44
C TRP A 185 -11.16 19.07 13.95
N ILE A 186 -10.88 20.25 13.38
CA ILE A 186 -10.92 20.46 11.95
C ILE A 186 -9.50 20.54 11.45
N ASP A 187 -9.13 19.63 10.53
CA ASP A 187 -7.77 19.56 9.96
C ASP A 187 -7.58 20.56 8.81
N LEU A 188 -6.41 20.55 8.22
CA LEU A 188 -6.07 21.57 7.25
C LEU A 188 -6.90 21.61 5.98
N PHE A 189 -7.60 20.53 5.65
CA PHE A 189 -8.47 20.43 4.48
C PHE A 189 -9.94 20.36 4.88
N ASN A 190 -10.25 20.91 6.05
CA ASN A 190 -11.62 21.07 6.52
C ASN A 190 -12.36 19.78 6.86
N ARG A 191 -11.59 18.76 7.25
CA ARG A 191 -12.15 17.46 7.58
C ARG A 191 -12.36 17.41 9.08
N GLU A 192 -13.51 16.89 9.50
CA GLU A 192 -13.81 16.74 10.91
C GLU A 192 -13.19 15.44 11.41
N ILE A 193 -12.34 15.55 12.45
CA ILE A 193 -11.62 14.42 13.06
C ILE A 193 -12.06 14.20 14.50
N SER A 194 -12.44 12.98 14.84
CA SER A 194 -12.77 12.63 16.23
C SER A 194 -11.59 12.00 16.94
N TRP A 195 -11.36 12.43 18.15
CA TRP A 195 -10.39 11.84 19.06
C TRP A 195 -10.75 10.38 19.39
N GLN A 196 -12.02 10.16 19.75
CA GLN A 196 -12.49 8.82 20.07
C GLN A 196 -12.30 7.87 18.92
N THR A 197 -12.59 8.32 17.71
CA THR A 197 -12.38 7.48 16.53
C THR A 197 -10.87 7.12 16.40
N ILE A 198 -9.96 8.07 16.64
CA ILE A 198 -8.51 7.78 16.57
C ILE A 198 -8.15 6.72 17.60
N GLN A 199 -8.62 6.92 18.82
CA GLN A 199 -8.38 5.96 19.90
C GLN A 199 -8.89 4.56 19.61
N ASN A 200 -10.08 4.45 19.00
CA ASN A 200 -10.71 3.14 18.84
C ASN A 200 -9.98 2.34 17.81
N GLN A 201 -9.42 3.08 16.84
CA GLN A 201 -8.64 2.50 15.79
C GLN A 201 -7.30 2.02 16.36
N ILE A 202 -6.65 2.89 17.13
CA ILE A 202 -5.41 2.52 17.79
C ILE A 202 -5.60 1.24 18.63
N ASP A 203 -6.71 1.19 19.39
CA ASP A 203 -7.03 -0.01 20.19
C ASP A 203 -7.16 -1.24 19.29
N ALA A 204 -7.86 -1.07 18.19
CA ALA A 204 -8.10 -2.19 17.31
C ALA A 204 -6.79 -2.64 16.65
N VAL A 205 -5.85 -1.71 16.41
CA VAL A 205 -4.52 -2.05 15.89
C VAL A 205 -3.83 -2.94 16.91
N HIS A 206 -3.89 -2.51 18.16
CA HIS A 206 -3.26 -3.22 19.26
C HIS A 206 -3.87 -4.58 19.52
N ASP A 207 -5.16 -4.77 19.30
CA ASP A 207 -5.71 -6.13 19.39
C ASP A 207 -5.27 -7.00 18.28
N GLN A 208 -4.68 -6.46 17.21
CA GLN A 208 -4.07 -7.34 16.18
C GLN A 208 -2.55 -7.54 16.37
N ASN A 209 -2.01 -7.09 17.50
CA ASN A 209 -0.55 -7.03 17.74
C ASN A 209 0.15 -6.09 16.75
N GLY A 210 -0.62 -5.12 16.27
CA GLY A 210 -0.14 -4.18 15.27
C GLY A 210 0.46 -2.99 15.96
N ALA A 211 1.26 -2.25 15.21
CA ALA A 211 1.88 -1.03 15.67
C ALA A 211 1.17 0.11 14.97
N ALA A 212 0.89 1.16 15.71
CA ALA A 212 0.14 2.28 15.20
C ALA A 212 1.10 3.43 15.12
N MET A 213 1.44 3.88 13.91
CA MET A 213 2.41 4.96 13.73
C MET A 213 1.72 6.27 13.45
N ALA A 214 2.12 7.31 14.16
CA ALA A 214 1.46 8.59 14.09
C ALA A 214 2.16 9.48 13.05
N TYR A 215 1.43 9.93 12.03
CA TYR A 215 2.02 10.76 10.99
C TYR A 215 2.43 12.04 11.64
N ALA A 216 3.61 12.51 11.26
CA ALA A 216 4.04 13.86 11.62
C ALA A 216 5.07 14.34 10.67
N MET A 217 5.19 15.66 10.61
CA MET A 217 6.24 16.30 9.83
C MET A 217 7.50 16.47 10.68
N ILE A 218 8.66 16.34 10.05
CA ILE A 218 9.94 16.70 10.69
C ILE A 218 10.06 18.18 11.04
N TYR A 219 9.38 19.06 10.31
CA TYR A 219 9.73 20.47 10.37
C TYR A 219 8.64 21.50 10.03
N ALA A 220 7.37 21.13 10.21
CA ALA A 220 6.27 21.97 9.74
C ALA A 220 5.48 22.51 10.89
N ALA A 221 5.01 23.75 10.73
CA ALA A 221 3.98 24.33 11.58
C ALA A 221 3.04 25.15 10.75
N ARG A 222 1.81 25.23 11.22
CA ARG A 222 0.73 25.94 10.53
C ARG A 222 0.86 27.48 10.72
N GLU A 223 0.11 28.24 9.93
CA GLU A 223 -0.02 29.69 10.10
C GLU A 223 -0.28 30.09 11.55
N ASP A 224 0.16 31.30 11.89
CA ASP A 224 0.02 31.89 13.25
C ASP A 224 0.72 31.12 14.34
N TYR A 225 1.80 30.45 13.98
CA TYR A 225 2.55 29.57 14.89
C TYR A 225 3.21 30.29 16.04
N GLU A 226 3.46 31.60 15.90
CA GLU A 226 4.11 32.37 16.98
C GLU A 226 3.24 32.35 18.24
N SER A 227 1.92 32.38 18.05
CA SER A 227 0.96 32.21 19.14
C SER A 227 0.70 30.75 19.55
N TYR A 228 1.46 29.78 19.03
CA TYR A 228 1.43 28.36 19.52
C TYR A 228 2.73 27.86 20.16
N GLY A 229 3.65 28.78 20.43
CA GLY A 229 4.91 28.52 21.15
C GLY A 229 6.11 28.31 20.25
N VAL A 230 5.96 28.60 18.97
CA VAL A 230 6.99 28.33 17.97
C VAL A 230 7.60 29.66 17.54
N ASP A 231 8.90 29.76 17.73
CA ASP A 231 9.67 30.95 17.44
C ASP A 231 10.08 30.93 15.99
N SER A 232 9.83 32.01 15.27
CA SER A 232 10.27 32.18 13.87
C SER A 232 11.79 32.12 13.65
N GLU A 233 12.56 32.31 14.72
CA GLU A 233 14.02 32.18 14.68
C GLU A 233 14.46 30.74 14.38
N TRP A 234 13.61 29.79 14.74
CA TRP A 234 13.89 28.38 14.50
C TRP A 234 13.70 28.00 13.03
N GLY A 235 13.12 28.88 12.21
CA GLY A 235 12.78 28.61 10.82
C GLY A 235 13.95 28.46 9.88
N ILE A 236 13.61 28.10 8.63
CA ILE A 236 14.53 28.07 7.48
C ILE A 236 13.99 29.00 6.39
N TYR A 237 14.90 29.64 5.65
CA TYR A 237 14.55 30.76 4.74
C TYR A 237 15.24 30.59 3.38
N GLN A 238 14.64 31.17 2.34
CA GLN A 238 15.22 31.13 0.98
C GLN A 238 16.31 32.17 0.71
N ASP A 239 16.55 33.05 1.68
CA ASP A 239 17.53 34.15 1.57
C ASP A 239 18.38 34.24 2.83
N PRO A 240 19.47 35.04 2.78
CA PRO A 240 20.31 35.15 3.98
C PRO A 240 19.80 36.13 5.04
N ASN A 241 18.68 36.81 4.78
CA ASN A 241 18.23 37.95 5.59
C ASN A 241 16.89 37.74 6.29
N HIS A 242 16.54 36.47 6.52
CA HIS A 242 15.23 36.02 7.06
C HIS A 242 13.96 36.69 6.48
N LEU A 243 14.01 37.03 5.19
CA LEU A 243 12.91 37.74 4.51
C LEU A 243 11.75 36.79 4.17
N GLN A 244 12.09 35.61 3.68
CA GLN A 244 11.11 34.68 3.14
C GLN A 244 11.34 33.27 3.73
N GLN A 245 10.47 32.88 4.67
CA GLN A 245 10.50 31.53 5.26
C GLN A 245 10.02 30.50 4.23
N LEU A 246 10.67 29.34 4.18
CA LEU A 246 10.15 28.25 3.29
C LEU A 246 8.79 27.81 3.75
N ASP A 247 7.88 27.60 2.81
CA ASP A 247 6.51 27.31 3.16
C ASP A 247 5.83 26.50 2.10
N VAL A 248 4.64 26.00 2.45
CA VAL A 248 3.74 25.35 1.52
C VAL A 248 2.49 26.21 1.51
N ASP A 249 2.16 26.75 0.34
CA ASP A 249 0.98 27.58 0.12
C ASP A 249 -0.18 26.68 -0.39
N PHE A 250 -1.26 26.58 0.38
CA PHE A 250 -2.41 25.76 -0.08
C PHE A 250 -3.44 26.48 -0.97
N GLY A 251 -3.17 27.76 -1.29
CA GLY A 251 -3.92 28.50 -2.32
C GLY A 251 -5.24 29.10 -1.85
N ASN A 252 -5.29 29.59 -0.61
CA ASN A 252 -6.48 30.28 -0.12
C ASN A 252 -6.16 31.44 0.82
N ASN A 253 -4.95 32.01 0.70
CA ASN A 253 -4.50 33.14 1.54
C ASN A 253 -4.69 33.03 3.08
N SER A 254 -4.61 31.80 3.60
CA SER A 254 -4.52 31.61 5.07
C SER A 254 -3.92 30.29 5.50
N THR A 255 -4.23 29.20 4.77
CA THR A 255 -3.76 27.84 5.13
C THR A 255 -2.34 27.59 4.56
N TYR A 256 -1.37 27.51 5.45
CA TYR A 256 0.07 27.41 5.09
C TYR A 256 0.71 26.43 6.01
N MET A 257 1.78 25.82 5.54
CA MET A 257 2.72 25.18 6.43
C MET A 257 3.97 26.02 6.28
N TYR A 258 4.67 26.24 7.39
CA TYR A 258 5.95 26.95 7.39
C TYR A 258 6.97 25.96 7.89
N LEU A 259 8.18 26.07 7.36
CA LEU A 259 9.21 25.07 7.64
C LEU A 259 10.25 25.56 8.60
N PHE A 260 10.94 24.60 9.21
CA PHE A 260 11.88 24.86 10.29
C PHE A 260 13.12 24.00 10.13
N ASN A 261 14.16 24.31 10.91
CA ASN A 261 15.48 23.68 10.76
C ASN A 261 15.54 22.46 11.66
N PRO A 262 15.59 21.25 11.10
CA PRO A 262 15.70 20.07 11.95
C PRO A 262 16.92 19.99 12.90
N ALA A 263 18.00 20.73 12.60
CA ALA A 263 19.19 20.77 13.49
C ALA A 263 19.03 21.72 14.69
N ASN A 264 18.10 22.67 14.60
CA ASN A 264 17.77 23.58 15.73
C ASN A 264 17.22 22.81 16.92
N THR A 265 17.94 22.86 18.04
CA THR A 265 17.58 22.05 19.22
C THR A 265 16.34 22.59 19.94
N ASP A 266 16.04 23.86 19.74
CA ASP A 266 14.84 24.45 20.30
C ASP A 266 13.61 23.96 19.54
N TRP A 267 13.73 23.88 18.21
CA TRP A 267 12.67 23.23 17.39
C TRP A 267 12.54 21.73 17.70
N GLN A 268 13.68 21.05 17.76
CA GLN A 268 13.70 19.67 18.17
C GLN A 268 12.95 19.46 19.48
N SER A 269 13.27 20.28 20.50
CA SER A 269 12.55 20.22 21.80
C SER A 269 11.04 20.37 21.66
N PHE A 270 10.64 21.41 20.96
CA PHE A 270 9.23 21.71 20.81
C PHE A 270 8.54 20.50 20.20
N ILE A 271 9.00 20.08 19.00
CA ILE A 271 8.28 19.08 18.20
C ILE A 271 8.45 17.66 18.74
N HIS A 272 9.61 17.35 19.29
CA HIS A 272 9.77 16.05 19.95
C HIS A 272 8.82 15.89 21.17
N ALA A 273 8.35 17.00 21.75
CA ALA A 273 7.44 16.92 22.91
C ALA A 273 6.04 16.67 22.42
N GLN A 274 5.74 17.26 21.25
CA GLN A 274 4.53 16.89 20.53
C GLN A 274 4.49 15.39 20.22
N TYR A 275 5.61 14.84 19.73
CA TYR A 275 5.68 13.42 19.42
C TYR A 275 5.34 12.61 20.67
N LEU A 276 5.94 13.02 21.79
CA LEU A 276 5.71 12.34 23.07
C LEU A 276 4.28 12.51 23.54
N ASP A 277 3.75 13.70 23.35
CA ASP A 277 2.37 13.93 23.71
C ASP A 277 1.50 12.96 22.93
N ALA A 278 1.84 12.75 21.65
CA ALA A 278 1.10 11.83 20.82
C ALA A 278 1.19 10.37 21.28
N ILE A 279 2.39 9.94 21.68
CA ILE A 279 2.61 8.58 22.18
C ILE A 279 1.81 8.33 23.50
N ASN A 280 1.99 9.28 24.41
CA ASN A 280 1.47 9.17 25.78
C ASN A 280 -0.03 9.42 25.91
N THR A 281 -0.58 10.39 25.18
CA THR A 281 -2.00 10.70 25.25
C THR A 281 -2.81 9.69 24.38
N ALA A 282 -2.40 9.45 23.14
CA ALA A 282 -3.18 8.58 22.20
C ALA A 282 -2.86 7.08 22.27
N GLY A 283 -1.66 6.75 22.72
CA GLY A 283 -1.21 5.37 22.75
C GLY A 283 -0.48 4.92 21.50
N PHE A 284 -0.10 5.86 20.62
CA PHE A 284 0.68 5.51 19.42
C PHE A 284 1.96 4.80 19.79
N ASP A 285 2.34 3.79 19.01
CA ASP A 285 3.59 3.07 19.18
C ASP A 285 4.83 3.75 18.62
N GLY A 286 4.68 4.85 17.91
CA GLY A 286 5.83 5.52 17.33
C GLY A 286 5.41 6.58 16.32
N ILE A 287 6.40 7.19 15.65
CA ILE A 287 6.16 8.33 14.76
C ILE A 287 6.63 8.04 13.36
N HIS A 288 5.75 8.35 12.41
CA HIS A 288 6.01 8.29 11.01
C HIS A 288 6.37 9.68 10.53
N VAL A 289 7.66 9.94 10.44
CA VAL A 289 8.12 11.29 10.24
C VAL A 289 8.20 11.53 8.74
N ASP A 290 7.51 12.55 8.26
CA ASP A 290 7.49 12.92 6.84
C ASP A 290 8.29 14.21 6.56
N GLN A 291 8.45 14.53 5.27
CA GLN A 291 9.09 15.77 4.83
C GLN A 291 8.63 16.05 3.42
N MET A 292 8.90 17.25 2.90
CA MET A 292 8.50 17.63 1.54
C MET A 292 9.47 17.13 0.47
N GLY A 293 10.70 16.77 0.82
CA GLY A 293 11.68 16.41 -0.21
C GLY A 293 12.63 17.55 -0.50
N GLN A 294 13.39 17.41 -1.58
CA GLN A 294 14.55 18.26 -1.88
C GLN A 294 14.27 19.77 -1.83
N ARG A 295 15.08 20.49 -1.06
CA ARG A 295 15.11 21.95 -1.05
C ARG A 295 16.56 22.42 -1.15
N ASN A 296 16.81 23.42 -1.97
CA ASN A 296 18.17 24.01 -2.16
C ASN A 296 18.27 25.45 -1.64
N ASN A 297 19.52 25.89 -1.46
CA ASN A 297 19.83 27.27 -1.03
C ASN A 297 18.91 27.61 0.16
N VAL A 298 19.09 26.85 1.24
CA VAL A 298 18.34 27.00 2.48
C VAL A 298 19.23 27.66 3.53
N TYR A 299 18.76 28.74 4.12
CA TYR A 299 19.46 29.39 5.24
C TYR A 299 18.64 29.31 6.55
N ASP A 300 19.33 29.35 7.69
CA ASP A 300 18.68 29.55 9.00
C ASP A 300 18.35 31.04 9.24
N TYR A 301 17.70 31.37 10.36
CA TYR A 301 17.32 32.77 10.64
C TYR A 301 18.43 33.82 10.47
N TRP A 302 19.67 33.40 10.70
CA TRP A 302 20.81 34.30 10.74
C TRP A 302 21.58 34.37 9.42
N GLY A 303 21.12 33.72 8.38
CA GLY A 303 21.84 33.68 7.11
C GLY A 303 22.95 32.66 6.98
N ASN A 304 23.21 31.83 8.00
CA ASN A 304 24.16 30.70 7.84
C ASN A 304 23.57 29.65 6.89
N PRO A 305 24.24 29.38 5.74
CA PRO A 305 23.63 28.43 4.83
C PRO A 305 23.77 27.00 5.37
N LEU A 306 22.69 26.21 5.25
CA LEU A 306 22.62 24.84 5.80
C LEU A 306 22.91 23.77 4.77
N ASN A 307 23.69 22.79 5.17
CA ASN A 307 23.74 21.52 4.44
C ASN A 307 22.46 20.77 4.84
N PHE A 308 21.39 21.02 4.09
CA PHE A 308 20.06 20.69 4.56
C PHE A 308 19.86 19.18 4.80
N PRO A 309 20.20 18.35 3.82
CA PRO A 309 19.94 16.91 4.08
C PRO A 309 20.74 16.31 5.25
N ALA A 310 21.83 16.96 5.61
CA ALA A 310 22.58 16.53 6.80
C ALA A 310 21.91 16.88 8.13
N THR A 311 20.85 17.70 8.12
CA THR A 311 20.12 18.06 9.36
C THR A 311 19.13 17.01 9.82
N PHE A 312 18.84 16.04 8.95
CA PHE A 312 17.80 15.05 9.23
C PHE A 312 18.27 13.99 10.21
N THR A 313 19.40 13.37 9.95
CA THR A 313 19.88 12.26 10.78
C THR A 313 19.96 12.67 12.29
N PRO A 314 20.56 13.84 12.60
CA PRO A 314 20.56 14.33 13.99
C PRO A 314 19.15 14.58 14.57
N PHE A 315 18.25 15.12 13.78
CA PHE A 315 16.86 15.25 14.25
C PHE A 315 16.28 13.91 14.62
N ILE A 316 16.39 12.94 13.72
CA ILE A 316 15.83 11.59 13.89
C ILE A 316 16.43 10.87 15.10
N ASN A 317 17.77 10.94 15.24
CA ASN A 317 18.47 10.15 16.29
C ASN A 317 18.15 10.71 17.68
N GLU A 318 18.04 12.05 17.74
CA GLU A 318 17.61 12.75 18.95
C GLU A 318 16.14 12.47 19.26
N ALA A 319 15.29 12.49 18.23
CA ALA A 319 13.91 12.04 18.35
C ALA A 319 13.82 10.62 18.87
N LYS A 320 14.64 9.72 18.34
CA LYS A 320 14.65 8.30 18.78
C LYS A 320 15.01 8.15 20.26
N SER A 321 16.10 8.78 20.69
CA SER A 321 16.54 8.60 22.10
C SER A 321 15.59 9.27 23.09
N THR A 322 14.95 10.35 22.67
CA THR A 322 13.88 10.99 23.43
C THR A 322 12.63 10.10 23.56
N LEU A 323 12.34 9.32 22.51
CA LEU A 323 11.21 8.36 22.53
C LEU A 323 11.47 7.18 23.46
N THR A 324 12.64 6.59 23.28
CA THR A 324 13.13 5.47 24.07
C THR A 324 13.10 5.78 25.58
N ALA A 325 13.64 6.96 25.93
CA ALA A 325 13.61 7.54 27.28
C ALA A 325 12.20 7.68 27.82
N ASN A 326 11.27 8.14 26.98
CA ASN A 326 9.87 8.28 27.36
C ASN A 326 9.19 6.95 27.56
N ASN A 327 9.41 5.99 26.65
CA ASN A 327 8.72 4.67 26.68
C ASN A 327 9.37 3.74 25.66
N SER A 328 10.15 2.80 26.14
CA SER A 328 11.01 2.02 25.29
C SER A 328 10.24 0.87 24.61
N ASP A 329 8.96 0.68 24.97
CA ASP A 329 8.03 -0.17 24.19
C ASP A 329 7.29 0.59 23.09
N LYS A 330 7.50 1.90 22.99
CA LYS A 330 6.81 2.78 22.03
C LYS A 330 7.75 3.87 21.53
N ASP A 331 8.91 3.42 21.08
CA ASP A 331 9.95 4.29 20.59
C ASP A 331 10.13 4.14 19.09
N ARG A 332 9.11 3.69 18.37
CA ARG A 332 9.24 3.41 16.95
C ARG A 332 9.33 4.68 16.13
N ILE A 333 10.09 4.62 15.05
CA ILE A 333 10.22 5.76 14.19
C ILE A 333 10.69 5.37 12.80
N THR A 334 10.17 6.08 11.81
CA THR A 334 10.73 6.07 10.45
C THR A 334 10.68 7.47 9.88
N TYR A 335 11.39 7.67 8.78
CA TYR A 335 11.53 8.93 8.11
C TYR A 335 11.43 8.70 6.62
N ASN A 336 10.67 9.53 5.93
CA ASN A 336 10.44 9.36 4.51
C ASN A 336 11.60 9.95 3.73
N ILE A 337 12.36 9.08 3.06
CA ILE A 337 13.33 9.50 2.08
C ILE A 337 12.53 9.79 0.81
N VAL A 338 12.28 11.06 0.53
CA VAL A 338 11.44 11.46 -0.60
C VAL A 338 12.25 11.40 -1.90
N ASP A 339 11.60 10.90 -2.97
CA ASP A 339 12.18 10.82 -4.33
C ASP A 339 13.36 9.83 -4.33
N GLY A 340 13.06 8.62 -3.91
CA GLY A 340 14.06 7.63 -3.74
C GLY A 340 14.76 7.21 -5.01
N THR A 341 16.07 7.12 -4.93
CA THR A 341 16.90 6.56 -6.01
C THR A 341 18.30 6.31 -5.45
N VAL A 342 19.12 5.55 -6.16
CA VAL A 342 20.50 5.36 -5.73
C VAL A 342 21.19 6.73 -5.56
N ASP A 343 21.86 6.92 -4.44
CA ASP A 343 22.52 8.22 -4.14
C ASP A 343 21.59 9.45 -4.21
N GLY A 344 20.31 9.23 -3.90
CA GLY A 344 19.31 10.26 -4.01
C GLY A 344 19.44 11.24 -2.87
N TRP A 345 18.83 12.40 -3.05
CA TRP A 345 18.80 13.41 -2.02
C TRP A 345 18.33 12.86 -0.65
N ALA A 346 19.28 12.91 0.30
CA ALA A 346 19.12 12.47 1.68
C ALA A 346 19.23 10.97 1.89
N ALA A 347 19.33 10.21 0.79
CA ALA A 347 19.09 8.78 0.88
C ALA A 347 20.19 8.05 1.66
N ASN A 348 21.45 8.28 1.26
CA ASN A 348 22.60 7.70 1.94
C ASN A 348 22.77 8.20 3.38
N GLU A 349 22.53 9.50 3.55
CA GLU A 349 22.52 10.16 4.86
C GLU A 349 21.61 9.42 5.87
N VAL A 350 20.34 9.27 5.52
CA VAL A 350 19.34 8.63 6.40
C VAL A 350 19.60 7.13 6.55
N SER A 351 19.67 6.38 5.44
CA SER A 351 19.87 4.94 5.48
C SER A 351 21.14 4.57 6.18
N GLY A 352 22.16 5.39 5.95
CA GLY A 352 23.48 5.18 6.51
C GLY A 352 23.62 5.56 7.97
N GLY A 353 22.97 6.65 8.43
CA GLY A 353 23.13 7.18 9.81
C GLY A 353 21.93 7.27 10.74
N ALA A 354 20.71 7.22 10.22
CA ALA A 354 19.54 7.44 11.06
C ALA A 354 19.07 6.18 11.72
N ASP A 355 18.71 6.35 12.98
CA ASP A 355 18.29 5.28 13.84
C ASP A 355 16.79 4.94 13.70
N VAL A 356 16.31 4.86 12.45
CA VAL A 356 14.92 4.43 12.18
C VAL A 356 14.75 2.91 12.37
N ASP A 357 13.56 2.46 12.80
CA ASP A 357 13.34 1.01 13.03
C ASP A 357 13.28 0.25 11.70
N PHE A 358 12.70 0.90 10.69
CA PHE A 358 12.71 0.38 9.30
C PHE A 358 12.82 1.61 8.38
N LEU A 359 13.29 1.36 7.17
CA LEU A 359 13.46 2.41 6.17
C LEU A 359 12.18 2.59 5.39
N TYR A 360 11.96 3.83 4.95
CA TYR A 360 10.79 4.21 4.19
C TYR A 360 11.19 5.21 3.17
N SER A 361 10.68 5.00 1.96
CA SER A 361 11.00 5.88 0.84
C SER A 361 9.87 5.96 -0.20
N GLU A 362 9.57 7.18 -0.59
CA GLU A 362 8.48 7.46 -1.53
C GLU A 362 9.17 7.61 -2.87
N ILE A 363 8.71 6.85 -3.85
CA ILE A 363 9.39 6.71 -5.10
C ILE A 363 8.62 7.55 -6.10
N TRP A 364 9.34 8.47 -6.75
CA TRP A 364 8.77 9.30 -7.78
C TRP A 364 9.33 8.95 -9.17
N HIS A 365 10.20 9.77 -9.77
CA HIS A 365 10.60 9.50 -11.15
C HIS A 365 12.09 9.30 -11.40
N LEU A 366 12.86 9.06 -10.34
CA LEU A 366 14.28 8.74 -10.48
C LEU A 366 14.62 7.25 -10.40
N SER A 367 13.61 6.38 -10.24
CA SER A 367 13.79 4.92 -10.26
C SER A 367 12.66 4.27 -11.01
N ASP A 368 12.39 4.76 -12.23
CA ASP A 368 11.22 4.35 -12.99
C ASP A 368 11.19 2.91 -13.40
N SER A 369 12.35 2.29 -13.62
CA SER A 369 12.36 0.93 -14.11
C SER A 369 12.51 -0.05 -12.94
N TYR A 370 12.11 -1.30 -13.15
CA TYR A 370 12.32 -2.36 -12.13
C TYR A 370 13.79 -2.42 -11.70
N ILE A 371 14.74 -2.43 -12.64
CA ILE A 371 16.14 -2.56 -12.23
C ILE A 371 16.62 -1.32 -11.44
N GLN A 372 16.13 -0.12 -11.76
CA GLN A 372 16.63 1.06 -11.00
C GLN A 372 16.16 0.95 -9.56
N LEU A 373 14.91 0.52 -9.40
CA LEU A 373 14.29 0.38 -8.11
C LEU A 373 14.92 -0.71 -7.26
N LYS A 374 15.20 -1.85 -7.88
CA LYS A 374 16.03 -2.90 -7.27
C LYS A 374 17.39 -2.39 -6.78
N ASP A 375 18.10 -1.63 -7.62
CA ASP A 375 19.39 -1.08 -7.22
C ASP A 375 19.26 -0.11 -6.04
N TYR A 376 18.16 0.67 -5.98
CA TYR A 376 17.95 1.61 -4.88
C TYR A 376 17.71 0.85 -3.58
N ILE A 377 16.79 -0.12 -3.64
CA ILE A 377 16.55 -1.04 -2.52
C ILE A 377 17.88 -1.67 -2.12
N ASP A 378 18.69 -2.15 -3.05
CA ASP A 378 19.95 -2.82 -2.63
C ASP A 378 20.84 -1.88 -1.92
N SER A 379 20.88 -0.64 -2.38
CA SER A 379 21.75 0.33 -1.74
C SER A 379 21.28 0.69 -0.32
N LEU A 380 19.97 0.84 -0.11
CA LEU A 380 19.44 1.10 1.25
C LEU A 380 19.83 -0.02 2.23
N LYS A 381 19.64 -1.28 1.79
CA LYS A 381 20.07 -2.45 2.59
C LYS A 381 21.55 -2.42 2.91
N ALA A 382 22.37 -2.06 1.94
CA ALA A 382 23.84 -2.04 2.13
C ALA A 382 24.29 -0.89 3.04
N ASN A 383 23.63 0.26 3.01
CA ASN A 383 23.97 1.33 3.93
C ASN A 383 23.50 1.10 5.33
N SER A 384 22.51 0.23 5.53
CA SER A 384 21.72 0.20 6.77
C SER A 384 21.94 -1.06 7.57
N GLY A 385 22.81 -1.96 7.10
CA GLY A 385 22.90 -3.29 7.69
C GLY A 385 21.65 -4.14 7.51
N ASN A 386 20.97 -3.96 6.37
CA ASN A 386 19.78 -4.74 5.98
C ASN A 386 18.58 -4.49 6.83
N LYS A 387 18.33 -3.23 7.16
CA LYS A 387 17.07 -2.85 7.74
C LYS A 387 16.01 -3.20 6.74
N ALA A 388 14.78 -3.43 7.23
CA ALA A 388 13.63 -3.58 6.35
C ALA A 388 13.44 -2.25 5.58
N VAL A 389 12.82 -2.40 4.39
CA VAL A 389 12.57 -1.30 3.48
C VAL A 389 11.09 -1.36 3.11
N VAL A 390 10.40 -0.25 3.31
CA VAL A 390 9.03 -0.08 2.86
C VAL A 390 9.04 1.02 1.79
N LEU A 391 8.39 0.74 0.65
CA LEU A 391 8.28 1.72 -0.44
C LEU A 391 6.86 2.28 -0.59
N ALA A 392 6.76 3.61 -0.64
CA ALA A 392 5.56 4.30 -1.07
C ALA A 392 5.74 4.55 -2.54
N ALA A 393 4.81 4.03 -3.34
CA ALA A 393 5.01 3.95 -4.79
C ALA A 393 3.61 3.83 -5.40
N TYR A 394 3.04 5.01 -5.65
CA TYR A 394 1.59 5.11 -5.90
C TYR A 394 1.32 4.62 -7.32
N MET A 395 0.67 3.46 -7.40
CA MET A 395 0.47 2.75 -8.66
C MET A 395 -0.58 3.39 -9.55
N ASN A 396 -0.32 3.33 -10.85
CA ASN A 396 -1.23 3.82 -11.85
C ASN A 396 -1.52 5.32 -11.68
N TYR A 397 -0.55 6.08 -11.16
CA TYR A 397 -0.74 7.44 -10.70
C TYR A 397 -1.19 8.28 -11.87
N ARG A 398 -2.32 8.96 -11.70
CA ARG A 398 -2.82 9.94 -12.68
C ARG A 398 -3.52 9.37 -13.91
N GLU A 399 -3.38 8.06 -14.15
CA GLU A 399 -3.96 7.40 -15.32
C GLU A 399 -5.46 7.30 -15.19
N ASN A 400 -6.19 7.78 -16.19
CA ASN A 400 -7.62 7.73 -16.14
C ASN A 400 -8.10 6.39 -16.70
N ILE A 401 -7.88 5.33 -15.92
CA ILE A 401 -8.17 3.93 -16.37
C ILE A 401 -9.38 3.34 -15.71
N GLY A 402 -9.97 2.38 -16.43
CA GLY A 402 -11.28 1.78 -16.10
C GLY A 402 -12.29 1.82 -17.25
N ASP A 403 -13.49 1.27 -17.01
CA ASP A 403 -14.63 1.38 -17.90
C ASP A 403 -14.97 2.83 -18.12
N ARG A 404 -15.04 3.24 -19.39
CA ARG A 404 -15.42 4.59 -19.79
C ARG A 404 -16.82 4.68 -20.41
N TYR A 405 -17.54 5.70 -19.99
CA TYR A 405 -18.84 6.01 -20.55
C TYR A 405 -18.72 7.42 -21.09
N GLU A 406 -18.75 7.56 -22.41
CA GLU A 406 -18.64 8.90 -23.02
C GLU A 406 -19.93 9.66 -22.78
N ALA A 407 -19.78 10.97 -22.58
CA ALA A 407 -20.88 11.84 -22.12
C ALA A 407 -21.84 12.18 -23.28
N GLU A 408 -21.25 12.48 -24.45
CA GLU A 408 -22.01 12.56 -25.70
C GLU A 408 -23.03 11.40 -25.95
N SER A 409 -22.74 10.20 -25.46
CA SER A 409 -23.66 9.05 -25.62
C SER A 409 -24.55 8.84 -24.40
N ALA A 410 -24.53 9.77 -23.45
CA ALA A 410 -25.39 9.69 -22.26
C ALA A 410 -26.72 10.36 -22.55
N ALA A 411 -27.70 10.07 -21.70
CA ALA A 411 -29.03 10.75 -21.70
C ALA A 411 -28.91 12.22 -21.23
N LEU A 412 -29.27 13.18 -22.11
CA LEU A 412 -29.09 14.61 -21.84
C LEU A 412 -30.40 15.32 -21.40
N THR A 413 -30.24 16.27 -20.48
CA THR A 413 -31.35 17.04 -19.92
C THR A 413 -31.00 18.55 -19.97
N ASN A 414 -31.45 19.23 -21.05
CA ASN A 414 -31.20 20.68 -21.34
C ASN A 414 -29.71 20.96 -21.56
N THR A 415 -29.07 19.96 -22.14
CA THR A 415 -27.65 19.98 -22.54
C THR A 415 -27.56 19.36 -23.94
N ALA A 416 -26.42 19.57 -24.60
CA ALA A 416 -26.22 19.08 -25.98
C ALA A 416 -24.81 18.54 -26.24
N THR A 417 -24.68 17.74 -27.30
CA THR A 417 -23.36 17.26 -27.75
C THR A 417 -22.69 18.37 -28.57
N ASN A 418 -21.38 18.39 -28.64
CA ASN A 418 -20.65 19.26 -29.54
C ASN A 418 -19.23 18.73 -29.69
N ASN A 419 -18.39 19.35 -30.52
CA ASN A 419 -16.99 18.93 -30.65
C ASN A 419 -16.01 20.04 -31.05
N ASN A 420 -16.33 21.24 -30.56
CA ASN A 420 -15.71 22.48 -31.00
C ASN A 420 -14.58 22.91 -30.08
N HIS A 421 -14.13 22.03 -29.22
CA HIS A 421 -12.85 22.18 -28.55
C HIS A 421 -12.22 20.82 -28.51
N SER A 422 -10.94 20.77 -28.83
CA SER A 422 -10.26 19.51 -28.89
C SER A 422 -9.83 19.06 -27.51
N GLY A 423 -9.62 17.75 -27.39
CA GLY A 423 -9.03 17.14 -26.23
C GLY A 423 -10.00 16.12 -25.66
N TYR A 424 -11.26 16.20 -26.04
CA TYR A 424 -12.23 15.14 -25.74
C TYR A 424 -11.77 13.73 -26.18
N THR A 425 -12.49 12.72 -25.72
CA THR A 425 -12.32 11.32 -26.14
C THR A 425 -13.64 10.89 -26.73
N GLY A 426 -13.63 9.82 -27.53
CA GLY A 426 -14.77 9.45 -28.36
C GLY A 426 -14.99 10.49 -29.48
N SER A 427 -16.26 10.69 -29.85
CA SER A 427 -16.66 11.62 -30.94
C SER A 427 -16.94 13.08 -30.51
N GLY A 428 -17.11 13.32 -29.20
CA GLY A 428 -17.35 14.67 -28.70
C GLY A 428 -17.52 14.81 -27.19
N PHE A 429 -18.45 15.67 -26.77
CA PHE A 429 -18.69 15.89 -25.35
C PHE A 429 -20.05 16.49 -25.13
N VAL A 430 -20.38 16.84 -23.90
CA VAL A 430 -21.58 17.62 -23.58
C VAL A 430 -21.22 19.06 -23.22
N ASP A 431 -21.96 20.00 -23.80
CA ASP A 431 -21.87 21.44 -23.47
C ASP A 431 -23.30 21.97 -23.27
N GLN A 432 -23.42 23.30 -23.13
CA GLN A 432 -24.70 23.95 -22.81
C GLN A 432 -25.19 23.33 -21.49
N PHE A 433 -24.27 23.41 -20.54
CA PHE A 433 -24.38 22.86 -19.19
C PHE A 433 -24.09 24.05 -18.29
N ALA A 434 -24.94 25.06 -18.32
CA ALA A 434 -24.70 26.26 -17.51
C ALA A 434 -25.91 26.86 -16.81
N ASP A 435 -27.00 26.09 -16.71
CA ASP A 435 -28.28 26.57 -16.19
C ASP A 435 -28.90 25.59 -15.18
N PRO A 436 -29.41 26.10 -14.03
CA PRO A 436 -30.27 25.25 -13.18
C PRO A 436 -31.35 24.51 -13.97
N GLY A 437 -31.43 23.19 -13.85
CA GLY A 437 -32.35 22.37 -14.67
C GLY A 437 -31.57 21.48 -15.62
N ASP A 438 -30.35 21.89 -15.97
CA ASP A 438 -29.45 21.07 -16.78
C ASP A 438 -28.94 19.82 -16.04
N ALA A 439 -28.70 18.76 -16.80
CA ALA A 439 -28.20 17.50 -16.26
C ALA A 439 -27.69 16.53 -17.35
N VAL A 440 -26.65 15.76 -17.01
CA VAL A 440 -26.19 14.59 -17.81
C VAL A 440 -26.40 13.34 -16.97
N THR A 441 -26.77 12.22 -17.59
CA THR A 441 -27.15 11.03 -16.86
C THR A 441 -26.65 9.76 -17.54
N PHE A 442 -25.70 9.09 -16.88
CA PHE A 442 -25.06 7.91 -17.46
C PHE A 442 -25.79 6.67 -16.95
N SER A 443 -25.92 5.67 -17.81
CA SER A 443 -26.36 4.32 -17.41
C SER A 443 -25.13 3.48 -17.44
N ILE A 444 -24.63 3.17 -16.24
CA ILE A 444 -23.50 2.27 -16.10
C ILE A 444 -23.99 0.91 -15.71
N THR A 445 -23.17 -0.07 -16.05
CA THR A 445 -23.47 -1.42 -15.72
C THR A 445 -22.17 -2.07 -15.14
N VAL A 446 -22.25 -2.52 -13.88
CA VAL A 446 -21.07 -2.96 -13.12
C VAL A 446 -21.05 -4.45 -12.79
N PRO A 447 -19.86 -5.06 -12.78
CA PRO A 447 -19.85 -6.52 -12.71
C PRO A 447 -20.09 -7.13 -11.32
N GLU A 448 -20.08 -6.34 -10.25
CA GLU A 448 -19.98 -6.93 -8.90
C GLU A 448 -20.25 -5.89 -7.82
N GLU A 449 -20.49 -6.39 -6.62
CA GLU A 449 -20.73 -5.54 -5.48
C GLU A 449 -19.40 -4.91 -5.01
N GLY A 450 -19.44 -3.60 -4.69
CA GLY A 450 -18.27 -2.93 -4.14
C GLY A 450 -18.12 -1.47 -4.47
N TYR A 451 -16.92 -0.97 -4.24
CA TYR A 451 -16.63 0.43 -4.44
C TYR A 451 -16.29 0.68 -5.90
N TYR A 452 -16.78 1.82 -6.40
CA TYR A 452 -16.55 2.29 -7.77
C TYR A 452 -16.18 3.76 -7.66
N SER A 453 -15.08 4.10 -8.33
CA SER A 453 -14.59 5.50 -8.30
C SER A 453 -15.14 6.23 -9.52
N LEU A 454 -16.08 7.14 -9.27
CA LEU A 454 -16.71 7.88 -10.35
C LEU A 454 -15.75 8.98 -10.70
N VAL A 455 -15.15 8.90 -11.89
CA VAL A 455 -14.11 9.88 -12.30
C VAL A 455 -14.58 10.67 -13.52
N PHE A 456 -14.73 11.97 -13.35
CA PHE A 456 -15.29 12.82 -14.41
C PHE A 456 -14.20 13.56 -15.16
N ARG A 457 -14.22 13.46 -16.47
CA ARG A 457 -13.29 14.23 -17.31
C ARG A 457 -14.03 15.44 -17.88
N PHE A 458 -13.48 16.61 -17.70
CA PHE A 458 -14.29 17.77 -17.97
C PHE A 458 -13.45 18.99 -18.30
N ALA A 459 -14.16 20.02 -18.74
CA ALA A 459 -13.54 21.31 -19.04
C ALA A 459 -14.28 22.43 -18.32
N ASN A 460 -13.51 23.36 -17.77
CA ASN A 460 -14.05 24.51 -17.08
C ASN A 460 -13.09 25.68 -17.18
N ASN A 461 -13.47 26.65 -18.01
CA ASN A 461 -12.75 27.94 -18.11
C ASN A 461 -13.64 29.07 -17.57
N SER A 462 -14.40 28.78 -16.50
CA SER A 462 -15.35 29.73 -15.97
C SER A 462 -14.64 30.84 -15.15
N GLY A 463 -13.35 30.67 -14.85
CA GLY A 463 -12.60 31.61 -14.02
C GLY A 463 -12.45 31.14 -12.58
N PHE A 464 -13.27 30.16 -12.18
CA PHE A 464 -13.34 29.72 -10.78
C PHE A 464 -13.92 28.29 -10.71
N THR A 465 -13.92 27.71 -9.51
CA THR A 465 -14.47 26.35 -9.30
C THR A 465 -15.99 26.26 -9.53
N ALA A 466 -16.40 25.44 -10.49
CA ALA A 466 -17.81 25.15 -10.66
C ALA A 466 -18.17 24.01 -9.69
N THR A 467 -19.48 23.81 -9.53
CA THR A 467 -20.01 22.76 -8.69
C THR A 467 -21.20 22.13 -9.41
N ARG A 468 -21.46 20.86 -9.13
CA ARG A 468 -22.62 20.14 -9.65
C ARG A 468 -23.02 19.19 -8.57
N ASN A 469 -24.30 18.84 -8.52
CA ASN A 469 -24.82 17.89 -7.54
C ASN A 469 -24.84 16.53 -8.23
N LEU A 470 -24.17 15.54 -7.63
CA LEU A 470 -24.22 14.16 -8.11
C LEU A 470 -25.43 13.43 -7.48
N TYR A 471 -26.19 12.71 -8.28
CA TYR A 471 -27.24 11.81 -7.81
C TYR A 471 -26.86 10.43 -8.33
N VAL A 472 -27.21 9.40 -7.57
CA VAL A 472 -26.93 8.01 -7.89
C VAL A 472 -28.22 7.23 -7.70
N ASP A 473 -28.65 6.54 -8.75
CA ASP A 473 -30.00 5.95 -8.79
C ASP A 473 -31.03 6.92 -8.17
N SER A 474 -31.06 8.15 -8.69
CA SER A 474 -32.03 9.19 -8.27
C SER A 474 -31.82 9.85 -6.89
N ALA A 475 -31.15 9.19 -5.95
CA ALA A 475 -30.88 9.82 -4.65
C ALA A 475 -29.65 10.75 -4.68
N PHE A 476 -29.80 11.96 -4.16
CA PHE A 476 -28.67 12.84 -3.93
C PHE A 476 -27.51 12.11 -3.21
N GLU A 477 -26.29 12.57 -3.46
CA GLU A 477 -25.05 11.98 -2.96
C GLU A 477 -24.15 13.05 -2.40
N ILE A 478 -23.75 14.00 -3.24
CA ILE A 478 -22.80 15.01 -2.83
C ILE A 478 -22.69 16.10 -3.90
N GLU A 479 -22.34 17.32 -3.45
CA GLU A 479 -21.86 18.40 -4.34
C GLU A 479 -20.36 18.17 -4.70
N LEU A 480 -20.05 18.10 -6.01
CA LEU A 480 -18.65 17.90 -6.49
C LEU A 480 -18.10 19.21 -6.95
N PRO A 481 -16.82 19.48 -6.63
CA PRO A 481 -16.15 20.63 -7.25
C PRO A 481 -15.53 20.29 -8.63
N PHE A 482 -15.46 21.30 -9.49
CA PHE A 482 -14.76 21.22 -10.78
C PHE A 482 -13.82 22.41 -10.93
N GLN A 483 -12.54 22.19 -10.74
CA GLN A 483 -11.56 23.29 -10.69
C GLN A 483 -11.54 24.02 -12.04
N ASN A 484 -11.13 25.27 -12.00
CA ASN A 484 -10.98 26.10 -13.20
C ASN A 484 -9.75 25.72 -14.02
N GLN A 485 -9.84 25.75 -15.35
CA GLN A 485 -8.69 25.44 -16.21
C GLN A 485 -8.29 26.65 -17.11
N PRO A 486 -6.99 26.75 -17.45
CA PRO A 486 -6.51 27.85 -18.29
C PRO A 486 -7.35 28.17 -19.58
N SER A 487 -7.89 27.15 -20.25
CA SER A 487 -8.80 27.35 -21.41
C SER A 487 -9.90 26.30 -21.47
N TRP A 488 -10.83 26.48 -22.38
CA TRP A 488 -11.84 25.46 -22.67
C TRP A 488 -11.32 24.17 -23.33
N SER A 489 -10.07 24.15 -23.73
CA SER A 489 -9.52 22.93 -24.32
C SER A 489 -8.44 22.24 -23.43
N ALA A 490 -8.20 22.78 -22.22
CA ALA A 490 -7.41 22.06 -21.20
C ALA A 490 -8.35 21.28 -20.27
N TRP A 491 -8.29 19.96 -20.40
CA TRP A 491 -9.21 19.04 -19.75
C TRP A 491 -8.64 18.53 -18.39
N SER A 492 -9.53 18.19 -17.47
CA SER A 492 -9.12 17.62 -16.20
C SER A 492 -10.00 16.41 -15.91
N HIS A 493 -9.39 15.42 -15.26
CA HIS A 493 -10.10 14.30 -14.62
C HIS A 493 -9.84 14.20 -13.08
N GLU A 494 -9.72 15.35 -12.42
CA GLU A 494 -9.48 15.45 -10.99
C GLU A 494 -10.72 15.54 -10.15
N THR A 495 -11.89 15.40 -10.75
CA THR A 495 -13.10 15.32 -9.98
C THR A 495 -13.60 13.87 -9.90
N TRP A 496 -13.57 13.33 -8.68
CA TRP A 496 -14.00 11.96 -8.38
C TRP A 496 -14.87 11.95 -7.11
N HIS A 497 -15.64 10.89 -6.99
CA HIS A 497 -16.29 10.57 -5.74
C HIS A 497 -16.53 9.09 -5.75
N GLN A 498 -16.22 8.43 -4.65
CA GLN A 498 -16.35 6.97 -4.53
C GLN A 498 -17.73 6.64 -4.04
N VAL A 499 -18.32 5.57 -4.60
CA VAL A 499 -19.64 5.10 -4.16
C VAL A 499 -19.65 3.59 -4.03
N TYR A 500 -20.50 3.05 -3.17
CA TYR A 500 -20.68 1.58 -3.07
C TYR A 500 -21.94 1.15 -3.82
N LEU A 501 -21.81 0.12 -4.65
CA LEU A 501 -22.89 -0.30 -5.55
C LEU A 501 -23.11 -1.82 -5.53
N THR A 502 -24.38 -2.22 -5.69
CA THR A 502 -24.77 -3.61 -6.02
C THR A 502 -24.46 -3.93 -7.49
N PRO A 503 -24.42 -5.22 -7.86
CA PRO A 503 -24.14 -5.54 -9.27
C PRO A 503 -25.27 -5.05 -10.19
N GLY A 504 -24.92 -4.84 -11.46
CA GLY A 504 -25.88 -4.46 -12.49
C GLY A 504 -25.89 -2.98 -12.81
N THR A 505 -27.08 -2.49 -13.18
CA THR A 505 -27.22 -1.21 -13.84
C THR A 505 -27.54 -0.15 -12.81
N HIS A 506 -27.00 1.03 -13.05
CA HIS A 506 -27.15 2.15 -12.16
C HIS A 506 -27.08 3.47 -12.93
N THR A 507 -27.68 4.46 -12.30
CA THR A 507 -27.92 5.74 -12.88
C THR A 507 -26.99 6.70 -12.19
N ILE A 508 -26.06 7.27 -12.93
CA ILE A 508 -25.20 8.29 -12.36
C ILE A 508 -25.49 9.57 -13.08
N LYS A 509 -25.96 10.56 -12.31
CA LYS A 509 -26.42 11.83 -12.82
C LYS A 509 -25.67 12.98 -12.20
N LEU A 510 -24.95 13.72 -13.03
CA LEU A 510 -24.47 15.05 -12.68
C LEU A 510 -25.58 16.05 -13.01
N ALA A 511 -25.88 16.96 -12.08
CA ALA A 511 -26.99 17.92 -12.28
C ALA A 511 -26.62 19.32 -11.82
N TYR A 512 -27.03 20.31 -12.61
CA TYR A 512 -26.96 21.74 -12.20
C TYR A 512 -28.24 22.03 -11.42
N ASP A 513 -28.09 22.34 -10.14
CA ASP A 513 -29.23 22.62 -9.30
C ASP A 513 -29.03 24.01 -8.71
N ALA A 514 -30.14 24.67 -8.34
CA ALA A 514 -30.09 25.95 -7.63
C ALA A 514 -28.99 25.91 -6.57
N GLY A 515 -28.09 26.90 -6.56
CA GLY A 515 -26.99 26.90 -5.60
C GLY A 515 -25.70 26.30 -6.13
N ASN A 516 -25.75 25.48 -7.18
CA ASN A 516 -24.53 25.16 -7.98
C ASN A 516 -24.12 26.36 -8.84
N VAL A 517 -22.85 26.39 -9.24
CA VAL A 517 -22.29 27.55 -9.95
C VAL A 517 -21.37 27.11 -11.11
N GLY A 518 -20.87 28.12 -11.85
CA GLY A 518 -19.96 27.93 -12.99
C GLY A 518 -20.59 27.18 -14.17
N ALA A 519 -19.79 26.92 -15.20
CA ALA A 519 -20.22 26.03 -16.27
C ALA A 519 -19.11 25.09 -16.66
N ILE A 520 -19.51 23.94 -17.20
CA ILE A 520 -18.55 22.95 -17.64
C ILE A 520 -18.98 22.21 -18.88
N ASN A 521 -17.98 21.60 -19.55
CA ASN A 521 -18.23 20.54 -20.54
C ASN A 521 -17.73 19.22 -20.01
N LEU A 522 -18.52 18.18 -20.21
CA LEU A 522 -18.26 16.90 -19.65
C LEU A 522 -17.84 15.95 -20.76
N ASP A 523 -16.56 15.55 -20.78
CA ASP A 523 -16.07 14.54 -21.73
C ASP A 523 -16.71 13.19 -21.43
N SER A 524 -16.50 12.70 -20.21
CA SER A 524 -16.75 11.27 -19.88
C SER A 524 -16.74 11.04 -18.40
N LEU A 525 -17.30 9.89 -18.04
CA LEU A 525 -17.23 9.29 -16.75
C LEU A 525 -16.44 7.97 -16.89
N THR A 526 -15.43 7.79 -16.03
CA THR A 526 -14.64 6.56 -15.98
C THR A 526 -14.81 5.94 -14.57
N LEU A 527 -14.96 4.62 -14.55
CA LEU A 527 -14.98 3.91 -13.29
C LEU A 527 -13.53 3.58 -12.92
N GLY A 528 -12.95 4.42 -12.07
CA GLY A 528 -11.52 4.38 -11.78
C GLY A 528 -11.10 3.06 -11.21
N THR A 529 -10.20 2.38 -11.88
CA THR A 529 -9.89 1.00 -11.52
C THR A 529 -8.38 0.74 -11.49
N PHE A 530 -7.91 0.26 -10.34
CA PHE A 530 -6.52 -0.15 -10.18
C PHE A 530 -6.31 -1.37 -11.04
N ASP A 531 -5.16 -1.39 -11.71
CA ASP A 531 -4.84 -2.43 -12.69
C ASP A 531 -4.07 -3.56 -12.04
N PRO A 532 -4.70 -4.74 -11.93
CA PRO A 532 -4.03 -5.84 -11.21
C PRO A 532 -2.72 -6.29 -11.80
N HIS A 533 -2.56 -6.18 -13.11
CA HIS A 533 -1.41 -6.76 -13.78
C HIS A 533 -0.14 -6.04 -13.28
N SER A 534 -0.21 -4.70 -13.32
CA SER A 534 0.90 -3.85 -12.89
C SER A 534 1.18 -3.99 -11.41
N ILE A 535 0.13 -4.07 -10.61
CA ILE A 535 0.23 -4.13 -9.15
C ILE A 535 0.85 -5.46 -8.64
N ARG A 536 0.42 -6.59 -9.22
CA ARG A 536 1.08 -7.88 -8.94
C ARG A 536 2.56 -7.96 -9.34
N LEU A 537 2.92 -7.36 -10.47
CA LEU A 537 4.32 -7.32 -10.90
C LEU A 537 5.15 -6.42 -9.99
N ALA A 538 4.62 -5.26 -9.62
CA ALA A 538 5.39 -4.36 -8.75
C ALA A 538 5.65 -5.00 -7.38
N ASN A 539 4.57 -5.49 -6.77
CA ASN A 539 4.70 -6.19 -5.49
C ASN A 539 5.69 -7.39 -5.53
N ALA A 540 5.69 -8.13 -6.65
CA ALA A 540 6.57 -9.27 -6.82
C ALA A 540 8.02 -8.81 -6.88
N MET A 541 8.27 -7.77 -7.68
CA MET A 541 9.62 -7.24 -7.83
C MET A 541 10.13 -6.68 -6.52
N MET A 542 9.27 -5.96 -5.82
CA MET A 542 9.65 -5.39 -4.55
C MET A 542 10.02 -6.48 -3.51
N ALA A 543 9.18 -7.48 -3.30
CA ALA A 543 9.45 -8.56 -2.33
C ALA A 543 10.70 -9.30 -2.72
N ALA A 544 10.82 -9.61 -4.01
CA ALA A 544 11.96 -10.35 -4.48
C ALA A 544 13.27 -9.59 -4.31
N SER A 545 13.20 -8.27 -4.19
CA SER A 545 14.40 -7.43 -3.93
C SER A 545 14.58 -7.06 -2.44
N GLY A 546 13.69 -7.56 -1.57
CA GLY A 546 13.74 -7.42 -0.14
C GLY A 546 12.96 -6.24 0.43
N ALA A 547 12.04 -5.66 -0.33
CA ALA A 547 11.22 -4.53 0.15
C ALA A 547 9.73 -4.90 0.19
N THR A 548 8.95 -4.24 1.02
CA THR A 548 7.49 -4.31 0.95
C THR A 548 6.98 -2.94 0.48
N HIS A 549 5.65 -2.85 0.31
CA HIS A 549 4.95 -1.75 -0.38
C HIS A 549 3.85 -1.24 0.54
N ILE A 550 3.89 0.04 0.92
CA ILE A 550 2.72 0.67 1.57
C ILE A 550 1.73 1.05 0.50
N GLU A 551 0.56 0.42 0.53
CA GLU A 551 -0.46 0.60 -0.49
C GLU A 551 -1.91 0.30 -0.03
N LEU A 552 -2.13 -0.54 0.98
CA LEU A 552 -3.50 -0.84 1.47
C LEU A 552 -3.88 -0.05 2.72
N GLY A 553 -5.14 0.29 2.88
CA GLY A 553 -5.56 1.01 4.11
C GLY A 553 -7.05 1.04 4.25
N GLU A 554 -7.56 1.51 5.39
CA GLU A 554 -9.02 1.59 5.55
C GLU A 554 -9.64 0.22 5.22
N ASP A 555 -10.81 0.15 4.58
CA ASP A 555 -11.45 -1.17 4.32
C ASP A 555 -11.15 -1.67 2.92
N SER A 556 -9.94 -2.17 2.77
CA SER A 556 -9.38 -2.50 1.45
C SER A 556 -9.47 -1.35 0.42
N GLN A 557 -9.14 -0.15 0.84
CA GLN A 557 -8.81 0.95 -0.06
C GLN A 557 -7.33 0.83 -0.42
N MET A 558 -6.94 1.47 -1.52
CA MET A 558 -5.55 1.43 -2.01
C MET A 558 -5.15 2.85 -2.35
N LEU A 559 -3.86 3.16 -2.14
CA LEU A 559 -3.36 4.52 -2.35
C LEU A 559 -3.29 4.80 -3.85
N ALA A 560 -3.98 5.86 -4.25
CA ALA A 560 -4.01 6.32 -5.64
C ALA A 560 -3.13 7.56 -5.84
N HIS A 561 -2.80 8.21 -4.74
CA HIS A 561 -2.25 9.56 -4.77
C HIS A 561 -1.57 9.71 -3.41
N GLU A 562 -0.71 10.69 -3.28
CA GLU A 562 0.05 10.89 -2.06
C GLU A 562 -0.75 11.44 -0.89
N TYR A 563 -1.91 12.02 -1.20
CA TYR A 563 -2.87 12.45 -0.24
C TYR A 563 -3.75 11.24 -0.03
N TYR A 564 -3.53 10.53 1.09
CA TYR A 564 -4.05 9.16 1.26
C TYR A 564 -5.55 9.03 1.10
N PRO A 565 -6.32 10.05 1.54
CA PRO A 565 -7.79 9.99 1.35
C PRO A 565 -8.34 9.90 -0.08
N ASN A 566 -7.51 10.22 -1.08
CA ASN A 566 -7.90 10.21 -2.51
C ASN A 566 -8.44 8.82 -2.89
N ARG A 567 -9.69 8.81 -3.35
CA ARG A 567 -10.40 7.58 -3.71
C ARG A 567 -10.71 7.57 -5.21
N SER A 568 -9.82 8.18 -5.98
CA SER A 568 -9.97 8.24 -7.43
C SER A 568 -9.84 6.87 -8.10
N LYS A 569 -9.39 5.85 -7.39
CA LYS A 569 -9.44 4.51 -7.93
C LYS A 569 -9.87 3.46 -6.89
N SER A 570 -10.54 2.41 -7.34
CA SER A 570 -10.96 1.32 -6.46
C SER A 570 -10.45 -0.01 -6.94
N MET A 571 -10.29 -0.98 -6.04
CA MET A 571 -9.87 -2.32 -6.46
C MET A 571 -11.10 -3.14 -6.74
N ARG A 572 -11.03 -3.96 -7.78
CA ARG A 572 -12.06 -4.95 -8.04
C ARG A 572 -11.61 -6.21 -7.32
N SER A 573 -12.44 -7.24 -7.29
CA SER A 573 -12.25 -8.35 -6.35
C SER A 573 -11.21 -9.38 -6.78
N GLU A 574 -10.97 -9.54 -8.07
CA GLU A 574 -9.76 -10.27 -8.55
C GLU A 574 -8.47 -9.68 -7.98
N LEU A 575 -8.41 -8.36 -7.79
CA LEU A 575 -7.19 -7.69 -7.31
C LEU A 575 -7.07 -7.89 -5.82
N LYS A 576 -8.18 -7.68 -5.12
CA LYS A 576 -8.26 -8.03 -3.70
C LYS A 576 -7.83 -9.46 -3.45
N GLU A 577 -8.33 -10.41 -4.24
CA GLU A 577 -7.96 -11.82 -4.06
C GLU A 577 -6.49 -12.07 -4.29
N ALA A 578 -5.92 -11.44 -5.30
CA ALA A 578 -4.53 -11.61 -5.64
C ALA A 578 -3.63 -10.94 -4.61
N LEU A 579 -4.05 -9.80 -4.03
CA LEU A 579 -3.23 -9.14 -3.02
C LEU A 579 -3.23 -9.95 -1.74
N LYS A 580 -4.37 -10.58 -1.42
CA LYS A 580 -4.46 -11.47 -0.27
C LYS A 580 -3.44 -12.61 -0.41
N GLN A 581 -3.37 -13.23 -1.58
CA GLN A 581 -2.41 -14.29 -1.85
C GLN A 581 -0.97 -13.80 -1.71
N HIS A 582 -0.71 -12.62 -2.28
CA HIS A 582 0.61 -12.04 -2.30
C HIS A 582 1.07 -11.68 -0.87
N TYR A 583 0.25 -10.92 -0.15
CA TYR A 583 0.62 -10.55 1.22
C TYR A 583 0.81 -11.78 2.14
N ASN A 584 0.02 -12.82 1.92
CA ASN A 584 0.16 -14.06 2.67
C ASN A 584 1.43 -14.76 2.25
N PHE A 585 1.72 -14.74 0.96
CA PHE A 585 2.94 -15.34 0.46
C PHE A 585 4.15 -14.69 1.06
N ILE A 586 4.18 -13.36 1.11
CA ILE A 586 5.36 -12.71 1.63
C ILE A 586 5.48 -12.81 3.14
N THR A 587 4.40 -13.23 3.81
CA THR A 587 4.47 -13.56 5.23
C THR A 587 4.97 -15.02 5.42
N ALA A 588 4.29 -15.97 4.82
CA ALA A 588 4.69 -17.40 4.90
C ALA A 588 6.14 -17.71 4.46
N TYR A 589 6.65 -17.03 3.43
CA TYR A 589 8.04 -17.21 3.01
C TYR A 589 8.95 -16.01 3.38
N GLU A 590 8.56 -15.24 4.41
CA GLU A 590 9.36 -14.11 4.84
C GLU A 590 10.83 -14.48 5.09
N ASN A 591 11.11 -15.72 5.52
CA ASN A 591 12.49 -16.16 5.81
C ASN A 591 13.37 -16.23 4.56
N LEU A 592 12.78 -16.47 3.39
CA LEU A 592 13.52 -16.46 2.13
C LEU A 592 13.55 -15.09 1.41
N LEU A 593 12.87 -14.10 1.97
CA LEU A 593 12.73 -12.82 1.30
C LEU A 593 13.35 -11.68 2.04
N PHE A 594 13.12 -11.58 3.35
CA PHE A 594 13.41 -10.37 4.13
C PHE A 594 14.41 -10.47 5.29
N ASP A 595 14.80 -11.68 5.68
CA ASP A 595 15.78 -11.87 6.76
C ASP A 595 17.11 -11.19 6.34
N PRO A 596 17.91 -10.66 7.29
CA PRO A 596 19.16 -9.94 6.94
C PRO A 596 20.23 -10.78 6.29
N ASP A 597 20.14 -12.10 6.48
CA ASP A 597 21.06 -13.06 5.88
C ASP A 597 20.62 -13.53 4.49
N VAL A 598 19.64 -12.85 3.89
CA VAL A 598 19.18 -13.14 2.51
C VAL A 598 19.91 -12.20 1.54
N VAL A 599 20.73 -12.77 0.67
CA VAL A 599 21.60 -11.93 -0.14
C VAL A 599 21.56 -12.40 -1.57
N ASP A 600 21.75 -11.44 -2.50
CA ASP A 600 21.98 -11.75 -3.91
C ASP A 600 23.17 -12.69 -4.04
N ASN A 601 23.04 -13.76 -4.82
CA ASN A 601 24.18 -14.62 -5.17
C ASN A 601 24.97 -13.81 -6.22
N ASP A 602 26.30 -13.86 -6.09
CA ASP A 602 27.26 -13.15 -6.96
C ASP A 602 27.05 -13.44 -8.46
N SER A 603 27.89 -12.84 -9.32
CA SER A 603 27.87 -13.08 -10.78
C SER A 603 26.56 -12.47 -11.39
N GLY A 604 25.91 -13.11 -12.37
CA GLY A 604 24.70 -12.55 -13.00
C GLY A 604 23.71 -13.53 -13.64
N SER A 605 23.39 -13.28 -14.93
CA SER A 605 22.33 -13.98 -15.68
C SER A 605 22.76 -15.31 -16.38
N GLN A 606 24.04 -15.69 -16.23
CA GLN A 606 24.58 -16.93 -16.83
C GLN A 606 24.33 -18.14 -15.88
N PHE A 607 23.81 -17.89 -14.66
CA PHE A 607 23.42 -18.93 -13.72
C PHE A 607 22.13 -19.68 -14.10
N VAL A 608 21.23 -19.08 -14.89
CA VAL A 608 19.88 -19.64 -15.09
C VAL A 608 19.47 -19.56 -16.55
N ASN A 609 18.91 -20.67 -17.01
CA ASN A 609 18.58 -20.87 -18.40
C ASN A 609 17.15 -21.42 -18.48
N LEU A 610 16.32 -20.74 -19.26
CA LEU A 610 14.98 -21.20 -19.57
C LEU A 610 14.98 -21.55 -21.04
N ASP A 611 14.76 -22.82 -21.32
CA ASP A 611 14.77 -23.32 -22.67
C ASP A 611 13.54 -22.82 -23.41
N MET A 612 13.76 -22.02 -24.46
CA MET A 612 12.71 -21.60 -25.43
C MET A 612 11.69 -20.58 -24.88
N VAL A 613 12.13 -19.82 -23.86
CA VAL A 613 11.38 -18.71 -23.26
C VAL A 613 12.38 -17.60 -23.04
N SER A 614 12.26 -16.48 -23.75
CA SER A 614 13.26 -15.43 -23.59
C SER A 614 13.24 -14.86 -22.16
N ALA A 615 14.45 -14.62 -21.68
CA ALA A 615 14.74 -14.47 -20.29
C ALA A 615 15.82 -13.43 -20.10
N SER A 616 15.87 -12.83 -18.91
CA SER A 616 16.97 -11.93 -18.56
C SER A 616 17.28 -12.09 -17.09
N GLY A 617 18.43 -11.55 -16.70
CA GLY A 617 18.82 -11.43 -15.32
C GLY A 617 18.65 -10.02 -14.79
N ASP A 618 18.25 -9.08 -15.64
CA ASP A 618 18.29 -7.66 -15.30
C ASP A 618 16.95 -6.93 -15.56
N ALA A 619 15.83 -7.68 -15.50
CA ALA A 619 14.47 -7.12 -15.63
C ALA A 619 14.32 -6.38 -16.97
N SER A 620 14.84 -7.03 -18.02
CA SER A 620 14.70 -6.55 -19.37
C SER A 620 13.25 -6.72 -19.74
N PRO A 621 12.70 -5.75 -20.49
CA PRO A 621 11.30 -5.80 -20.86
C PRO A 621 10.97 -6.96 -21.78
N ASN A 622 9.74 -7.47 -21.66
CA ASN A 622 9.29 -8.62 -22.44
C ASN A 622 10.12 -9.86 -22.22
N THR A 623 10.65 -10.05 -21.00
CA THR A 623 11.39 -11.27 -20.66
C THR A 623 10.94 -11.84 -19.35
N VAL A 624 11.19 -13.13 -19.16
CA VAL A 624 11.10 -13.74 -17.84
C VAL A 624 12.36 -13.38 -17.12
N TRP A 625 12.20 -12.59 -16.06
CA TRP A 625 13.31 -12.13 -15.25
C TRP A 625 13.59 -13.11 -14.15
N HIS A 626 14.82 -13.62 -14.12
CA HIS A 626 15.28 -14.53 -13.09
C HIS A 626 16.34 -13.85 -12.26
N GLN A 627 16.28 -14.07 -10.95
CA GLN A 627 17.09 -13.35 -9.96
C GLN A 627 17.45 -14.47 -8.91
N VAL A 628 18.75 -14.62 -8.64
CA VAL A 628 19.24 -15.67 -7.75
C VAL A 628 19.66 -15.05 -6.44
N LYS A 629 19.23 -15.69 -5.34
CA LYS A 629 19.46 -15.21 -4.00
C LYS A 629 19.81 -16.40 -3.14
N ARG A 630 20.40 -16.15 -1.98
CA ARG A 630 20.91 -17.22 -1.15
C ARG A 630 20.83 -16.87 0.34
N THR A 631 20.50 -17.88 1.16
CA THR A 631 20.65 -17.83 2.61
C THR A 631 21.67 -18.90 2.94
N PRO A 632 22.13 -18.95 4.20
CA PRO A 632 23.00 -20.07 4.58
C PRO A 632 22.33 -21.41 4.39
N GLU A 633 21.03 -21.50 4.65
CA GLU A 633 20.34 -22.76 4.45
C GLU A 633 19.90 -23.00 2.99
N TYR A 634 19.63 -21.97 2.16
CA TYR A 634 18.89 -22.18 0.85
C TYR A 634 19.42 -21.42 -0.31
N ASN A 635 19.20 -21.99 -1.50
CA ASN A 635 19.33 -21.31 -2.79
C ASN A 635 17.95 -20.97 -3.34
N ILE A 636 17.79 -19.72 -3.76
CA ILE A 636 16.49 -19.20 -4.13
C ILE A 636 16.60 -18.61 -5.53
N VAL A 637 15.72 -19.04 -6.43
CA VAL A 637 15.56 -18.37 -7.70
C VAL A 637 14.15 -17.79 -7.81
N HIS A 638 14.07 -16.48 -8.10
CA HIS A 638 12.80 -15.83 -8.41
C HIS A 638 12.60 -15.73 -9.93
N PHE A 639 11.39 -16.04 -10.39
CA PHE A 639 11.00 -15.88 -11.81
C PHE A 639 9.89 -14.83 -11.84
N ILE A 640 10.12 -13.69 -12.48
CA ILE A 640 9.10 -12.62 -12.59
C ILE A 640 8.84 -12.40 -14.07
N ASN A 641 7.59 -12.62 -14.45
CA ASN A 641 7.20 -12.65 -15.86
C ASN A 641 6.89 -11.25 -16.42
N LEU A 642 7.86 -10.69 -17.14
CA LEU A 642 7.64 -9.43 -17.84
C LEU A 642 7.27 -9.64 -19.30
N ALA A 643 6.99 -10.88 -19.71
CA ALA A 643 6.53 -11.11 -21.09
C ALA A 643 5.22 -10.37 -21.32
N ASN A 644 5.18 -9.61 -22.41
CA ASN A 644 4.06 -8.77 -22.83
C ASN A 644 3.96 -7.44 -22.04
N ASN A 645 5.06 -7.09 -21.37
CA ASN A 645 5.16 -5.84 -20.64
C ASN A 645 6.59 -5.26 -20.65
N ASP A 646 6.65 -3.98 -20.29
CA ASP A 646 7.90 -3.24 -20.31
C ASP A 646 8.62 -3.30 -18.93
N ASN A 647 9.58 -2.41 -18.72
CA ASN A 647 10.47 -2.44 -17.56
C ASN A 647 10.10 -1.37 -16.51
N GLN A 648 8.94 -0.71 -16.63
CA GLN A 648 8.48 0.38 -15.77
C GLN A 648 7.46 -0.11 -14.73
N TRP A 649 7.70 0.18 -13.46
CA TRP A 649 6.94 -0.50 -12.40
C TRP A 649 5.51 0.10 -12.15
N ARG A 650 5.30 1.37 -12.51
CA ARG A 650 4.17 2.12 -11.98
C ARG A 650 2.90 1.99 -12.81
N ASN A 651 3.08 1.85 -14.11
CA ASN A 651 2.05 2.15 -15.08
C ASN A 651 1.24 0.90 -15.38
N SER A 652 -0.04 1.04 -15.75
CA SER A 652 -0.85 -0.17 -15.99
C SER A 652 -0.18 -0.99 -17.06
N ALA A 653 -0.51 -2.26 -17.01
CA ALA A 653 0.17 -3.29 -17.76
C ALA A 653 -0.83 -4.26 -18.38
N ASN A 654 -0.33 -5.01 -19.36
CA ASN A 654 -1.10 -6.06 -20.02
C ASN A 654 -1.08 -7.29 -19.13
N PRO A 655 -2.03 -8.21 -19.36
CA PRO A 655 -1.87 -9.57 -18.80
C PRO A 655 -0.59 -10.21 -19.33
N PRO A 656 0.27 -10.73 -18.45
CA PRO A 656 1.50 -11.35 -18.96
C PRO A 656 1.25 -12.55 -19.83
N THR A 657 2.14 -12.79 -20.79
CA THR A 657 2.11 -14.00 -21.58
C THR A 657 2.29 -15.16 -20.61
N LEU A 658 1.25 -15.99 -20.52
CA LEU A 658 1.28 -17.19 -19.65
C LEU A 658 2.34 -18.13 -20.21
N HIS A 659 3.21 -18.70 -19.39
CA HIS A 659 4.17 -19.74 -19.86
C HIS A 659 3.80 -21.07 -19.23
N THR A 660 4.06 -22.19 -19.90
CA THR A 660 3.83 -23.52 -19.31
C THR A 660 5.01 -24.45 -19.60
N ASN A 661 5.17 -25.44 -18.74
CA ASN A 661 6.26 -26.41 -18.76
C ASN A 661 7.57 -25.87 -19.31
N ILE A 662 8.20 -25.02 -18.52
CA ILE A 662 9.42 -24.39 -18.93
C ILE A 662 10.59 -25.19 -18.39
N ALA A 663 11.37 -25.74 -19.31
CA ALA A 663 12.52 -26.53 -18.95
C ALA A 663 13.57 -25.53 -18.49
N THR A 664 13.98 -25.68 -17.23
CA THR A 664 14.87 -24.79 -16.53
C THR A 664 16.12 -25.53 -16.09
N LYS A 665 17.24 -24.82 -16.09
CA LYS A 665 18.50 -25.28 -15.53
C LYS A 665 19.06 -24.18 -14.64
N VAL A 666 19.37 -24.52 -13.40
CA VAL A 666 20.02 -23.60 -12.48
C VAL A 666 21.43 -24.14 -12.25
N TYR A 667 22.42 -23.30 -12.53
CA TYR A 667 23.82 -23.65 -12.35
C TYR A 667 24.23 -23.39 -10.92
N VAL A 668 24.93 -24.36 -10.33
CA VAL A 668 25.28 -24.32 -8.92
C VAL A 668 26.77 -24.58 -8.72
N SER A 669 27.25 -24.41 -7.48
CA SER A 669 28.59 -24.89 -7.12
C SER A 669 28.61 -26.45 -7.04
N PRO A 670 29.80 -27.07 -7.20
CA PRO A 670 29.96 -28.52 -6.82
C PRO A 670 29.83 -28.72 -5.30
N ASP A 671 30.36 -27.75 -4.56
CA ASP A 671 30.10 -27.49 -3.13
C ASP A 671 28.64 -27.74 -2.65
N GLU A 672 27.64 -27.26 -3.40
CA GLU A 672 26.24 -27.17 -2.93
C GLU A 672 25.53 -28.51 -2.71
N THR A 673 24.80 -28.55 -1.60
CA THR A 673 24.09 -29.75 -1.13
C THR A 673 22.60 -29.63 -1.54
N ILE A 674 22.01 -30.68 -2.11
CA ILE A 674 20.64 -30.57 -2.66
C ILE A 674 19.81 -31.86 -2.59
N SER A 675 18.83 -31.84 -1.69
CA SER A 675 17.95 -32.99 -1.42
C SER A 675 16.48 -32.70 -1.78
N GLY A 676 16.23 -31.63 -2.51
CA GLY A 676 14.92 -31.35 -3.05
C GLY A 676 14.90 -30.02 -3.78
N VAL A 677 13.92 -29.85 -4.66
CA VAL A 677 13.67 -28.61 -5.39
C VAL A 677 12.24 -28.22 -5.08
N TYR A 678 12.03 -27.03 -4.53
CA TYR A 678 10.72 -26.64 -4.03
C TYR A 678 10.14 -25.37 -4.72
N LEU A 679 8.85 -25.41 -5.02
CA LEU A 679 8.18 -24.36 -5.77
C LEU A 679 7.03 -23.78 -5.00
N ALA A 680 7.01 -22.45 -4.85
CA ALA A 680 5.86 -21.74 -4.36
C ALA A 680 5.56 -20.51 -5.21
N SER A 681 4.28 -20.16 -5.32
CA SER A 681 3.88 -18.97 -6.06
C SER A 681 2.63 -18.37 -5.50
N PRO A 682 2.54 -17.02 -5.50
CA PRO A 682 1.29 -16.39 -5.10
C PRO A 682 0.22 -16.48 -6.15
N ASP A 683 0.51 -17.10 -7.30
CA ASP A 683 -0.41 -17.19 -8.42
C ASP A 683 -1.14 -18.50 -8.49
N HIS A 684 -0.71 -19.53 -7.73
CA HIS A 684 -1.22 -20.93 -7.89
CA HIS A 684 -1.39 -20.83 -7.79
C HIS A 684 -1.21 -21.63 -6.53
N ASP A 685 -2.24 -22.46 -6.30
CA ASP A 685 -2.27 -23.45 -5.24
C ASP A 685 -2.09 -22.83 -3.84
N ASP A 686 -2.67 -21.64 -3.66
CA ASP A 686 -2.84 -21.02 -2.35
C ASP A 686 -1.54 -20.97 -1.59
N ASN A 687 -0.48 -20.58 -2.29
CA ASN A 687 0.83 -20.40 -1.70
C ASN A 687 1.53 -21.65 -1.21
N ARG A 688 0.96 -22.85 -1.46
CA ARG A 688 1.54 -24.15 -0.98
C ARG A 688 2.80 -24.41 -1.73
N THR A 689 3.78 -24.99 -1.02
CA THR A 689 5.03 -25.40 -1.67
C THR A 689 4.75 -26.73 -2.38
N GLN A 690 5.36 -26.93 -3.53
CA GLN A 690 5.21 -28.17 -4.27
C GLN A 690 6.60 -28.77 -4.52
N SER A 691 6.72 -30.08 -4.46
CA SER A 691 8.03 -30.71 -4.63
C SER A 691 8.23 -31.07 -6.08
N LEU A 692 9.29 -30.58 -6.70
CA LEU A 692 9.47 -30.79 -8.12
C LEU A 692 10.50 -31.90 -8.42
N ALA A 693 10.15 -32.81 -9.34
CA ALA A 693 11.09 -33.81 -9.88
C ALA A 693 12.21 -33.06 -10.55
N TYR A 694 13.45 -33.44 -10.23
CA TYR A 694 14.64 -32.82 -10.79
C TYR A 694 15.78 -33.81 -11.10
N THR A 695 16.77 -33.30 -11.83
CA THR A 695 17.99 -34.04 -12.11
C THR A 695 19.20 -33.11 -11.97
N THR A 696 20.31 -33.68 -11.51
CA THR A 696 21.59 -32.99 -11.52
C THR A 696 22.33 -33.40 -12.78
N GLY A 697 23.26 -32.56 -13.23
CA GLY A 697 23.94 -32.79 -14.50
C GLY A 697 25.19 -31.97 -14.61
N THR A 698 25.97 -32.24 -15.64
CA THR A 698 27.14 -31.44 -15.94
C THR A 698 27.18 -31.25 -17.42
N ASP A 699 27.31 -29.99 -17.85
CA ASP A 699 27.59 -29.67 -19.24
C ASP A 699 28.80 -28.72 -19.29
N ILE A 700 29.07 -28.13 -20.46
CA ILE A 700 30.24 -27.29 -20.64
C ILE A 700 30.19 -26.03 -19.76
N HIS A 701 28.98 -25.50 -19.56
CA HIS A 701 28.80 -24.30 -18.73
C HIS A 701 28.96 -24.52 -17.21
N GLY A 702 28.92 -25.78 -16.75
CA GLY A 702 29.14 -26.11 -15.34
C GLY A 702 28.16 -27.13 -14.80
N ASP A 703 28.11 -27.29 -13.48
CA ASP A 703 27.16 -28.21 -12.82
C ASP A 703 25.80 -27.54 -12.71
N TYR A 704 24.73 -28.29 -12.93
CA TYR A 704 23.39 -27.74 -12.85
C TYR A 704 22.35 -28.64 -12.16
N VAL A 705 21.21 -28.01 -11.86
CA VAL A 705 19.99 -28.67 -11.40
C VAL A 705 18.94 -28.39 -12.47
N ALA A 706 18.23 -29.44 -12.89
CA ALA A 706 17.26 -29.33 -13.99
C ALA A 706 15.89 -29.76 -13.57
N PHE A 707 14.91 -28.90 -13.84
CA PHE A 707 13.53 -29.20 -13.54
C PHE A 707 12.64 -28.44 -14.51
N THR A 708 11.35 -28.73 -14.43
CA THR A 708 10.38 -28.07 -15.27
C THR A 708 9.42 -27.25 -14.41
N LEU A 709 9.33 -25.93 -14.66
CA LEU A 709 8.32 -25.06 -14.01
C LEU A 709 7.00 -25.32 -14.65
N PRO A 710 6.01 -25.87 -13.93
CA PRO A 710 4.70 -26.14 -14.58
C PRO A 710 4.07 -24.92 -15.25
N SER A 711 4.21 -23.77 -14.62
CA SER A 711 3.69 -22.55 -15.19
C SER A 711 4.35 -21.35 -14.58
N LEU A 712 4.15 -20.22 -15.25
CA LEU A 712 4.64 -18.96 -14.77
C LEU A 712 3.69 -17.89 -15.28
N GLU A 713 3.07 -17.15 -14.37
CA GLU A 713 2.11 -16.11 -14.70
C GLU A 713 2.70 -14.70 -14.33
N TYR A 714 2.80 -14.40 -13.03
CA TYR A 714 3.39 -13.16 -12.53
C TYR A 714 4.72 -13.42 -11.83
N TRP A 715 4.70 -14.31 -10.84
CA TRP A 715 5.85 -14.54 -9.99
C TRP A 715 5.87 -15.95 -9.39
N SER A 716 7.00 -16.63 -9.59
CA SER A 716 7.24 -17.94 -8.96
C SER A 716 8.62 -17.96 -8.33
N MET A 717 8.71 -18.64 -7.20
CA MET A 717 9.96 -18.75 -6.47
C MET A 717 10.31 -20.19 -6.33
N VAL A 718 11.55 -20.51 -6.65
CA VAL A 718 12.04 -21.85 -6.44
C VAL A 718 13.07 -21.78 -5.37
N TYR A 719 13.05 -22.76 -4.48
CA TYR A 719 14.09 -22.86 -3.49
C TYR A 719 14.55 -24.29 -3.29
N MET A 720 15.80 -24.42 -2.86
CA MET A 720 16.46 -25.71 -2.69
C MET A 720 17.63 -25.61 -1.72
C1 GLC B . 5.37 14.23 0.57
C2 GLC B . 4.83 12.97 1.34
C3 GLC B . 3.30 12.75 1.26
C4 GLC B . 2.61 14.02 1.79
C5 GLC B . 3.13 15.31 1.07
C6 GLC B . 3.35 16.47 2.06
O1 GLC B . 6.06 13.93 -0.67
O2 GLC B . 5.46 11.72 1.04
O3 GLC B . 2.87 11.56 2.00
O4 GLC B . 1.15 13.91 1.75
O5 GLC B . 4.34 15.18 0.26
O6 GLC B . 2.38 16.41 3.13
C1 GLC B . 1.82 17.66 3.48
C2 GLC B . 1.27 17.55 4.91
C3 GLC B . 0.08 16.60 4.94
C4 GLC B . -0.93 17.00 3.89
C5 GLC B . -0.28 17.10 2.51
C6 GLC B . -1.31 17.58 1.51
O2 GLC B . 2.31 17.20 5.84
O3 GLC B . -0.63 16.70 6.19
O4 GLC B . -2.02 16.10 3.93
O5 GLC B . 0.78 18.04 2.60
O6 GLC B . -0.72 17.81 0.24
C1 GLC B . -0.99 16.78 -0.76
C2 GLC B . -0.21 17.15 -2.01
C3 GLC B . -0.85 18.32 -2.72
C4 GLC B . -2.37 18.16 -2.85
C5 GLC B . -3.05 17.79 -1.52
C6 GLC B . -4.56 17.59 -1.61
O2 GLC B . 1.14 17.48 -1.69
O3 GLC B . -0.31 18.33 -4.02
O4 GLC B . -2.96 19.36 -3.38
O5 GLC B . -2.38 16.59 -1.10
O6 GLC B . -4.79 16.62 -2.65
C1 GLC B . -6.17 16.44 -3.01
C2 GLC B . -6.25 15.33 -4.09
C3 GLC B . -5.49 15.76 -5.37
C4 GLC B . -6.04 17.12 -5.84
C5 GLC B . -6.18 18.19 -4.71
C6 GLC B . -7.04 19.36 -5.18
O2 GLC B . -5.78 14.08 -3.60
O3 GLC B . -5.61 14.80 -6.43
O4 GLC B . -5.18 17.63 -6.85
O5 GLC B . -6.76 17.66 -3.48
O6 GLC B . -7.21 20.22 -4.06
C1 GLC B . -8.29 21.19 -4.20
C2 GLC B . -8.17 22.24 -3.09
C3 GLC B . -8.34 21.59 -1.71
C4 GLC B . -9.65 20.78 -1.68
C5 GLC B . -9.86 19.92 -2.94
C6 GLC B . -11.25 19.32 -3.02
O2 GLC B . -6.92 22.92 -3.13
O3 GLC B . -8.29 22.62 -0.71
O4 GLC B . -9.64 19.92 -0.52
O5 GLC B . -9.62 20.63 -4.16
O6 GLC B . -11.32 18.36 -4.10
C1 GLC B . -10.78 17.04 -3.80
C2 GLC B . -10.71 16.20 -5.08
C3 GLC B . -12.14 15.90 -5.54
C4 GLC B . -13.04 15.34 -4.44
C5 GLC B . -12.89 16.11 -3.12
C6 GLC B . -13.56 15.36 -1.97
O2 GLC B . -9.98 16.90 -6.12
O3 GLC B . -12.18 14.93 -6.57
O4 GLC B . -14.41 15.42 -4.88
O5 GLC B . -11.51 16.33 -2.80
O6 GLC B . -13.92 16.38 -1.02
C1 GLC B . -14.15 15.94 0.34
C2 GLC B . -14.28 17.20 1.23
C3 GLC B . -12.92 17.90 1.46
C4 GLC B . -11.79 16.89 1.78
C5 GLC B . -11.81 15.66 0.88
C6 GLC B . -10.79 14.62 1.36
O2 GLC B . -15.20 18.12 0.61
O3 GLC B . -13.02 18.91 2.50
O4 GLC B . -10.52 17.50 1.63
O5 GLC B . -13.13 15.06 0.82
O6 GLC B . -10.57 13.64 0.33
C1 GLC C . -18.54 28.98 -24.78
C1 GLC C . -17.63 28.55 -24.27
C2 GLC C . -17.69 27.74 -25.05
C2 GLC C . -17.17 27.15 -24.67
C3 GLC C . -18.43 26.47 -24.61
C3 GLC C . -18.22 26.06 -24.43
C4 GLC C . -18.90 26.58 -23.17
C4 GLC C . -18.84 26.19 -23.05
C5 GLC C . -19.61 27.92 -22.94
C5 GLC C . -19.42 27.59 -22.90
C6 GLC C . -20.01 28.15 -21.48
C6 GLC C . -20.13 27.79 -21.56
O2 GLC C . -17.34 27.66 -26.44
O2 GLC C . -16.85 27.20 -26.05
O3 GLC C . -17.57 25.34 -24.78
O3 GLC C . -17.61 24.77 -24.58
O4 GLC C . -19.79 25.50 -22.84
O4 GLC C . -19.86 25.21 -22.84
O5 GLC C . -18.78 29.00 -23.38
O5 GLC C . -18.36 28.56 -23.03
O6 GLC C . -21.06 29.12 -21.41
O6 GLC C . -20.84 29.04 -21.56
C1 GLC C . -21.25 29.65 -20.07
C1 GLC C . -21.43 29.36 -20.27
C2 GLC C . -22.42 30.65 -20.08
C2 GLC C . -22.51 30.42 -20.46
C3 GLC C . -22.03 31.94 -20.79
C3 GLC C . -21.86 31.66 -21.08
C4 GLC C . -20.70 32.48 -20.22
C4 GLC C . -20.68 32.13 -20.22
C5 GLC C . -19.61 31.40 -20.25
C5 GLC C . -19.75 30.98 -19.79
C6 GLC C . -18.29 31.90 -19.67
C6 GLC C . -18.78 31.42 -18.70
O2 GLC C . -23.56 30.07 -20.72
O2 GLC C . -23.58 29.93 -21.28
O3 GLC C . -23.06 32.92 -20.65
O3 GLC C . -22.84 32.70 -21.24
O4 GLC C . -20.29 33.63 -20.97
O4 GLC C . -19.91 33.10 -20.95
O5 GLC C . -20.07 30.25 -19.52
O5 GLC C . -20.50 29.86 -19.32
O6 GLC C . -17.20 31.55 -20.54
O6 GLC C . -19.48 31.89 -17.54
C1 GLC C . -15.93 32.04 -20.05
C1 GLC C . -18.66 31.75 -16.37
C2 GLC C . -16.07 32.59 -18.64
C2 GLC C . -19.49 32.06 -15.13
C3 GLC C . -16.50 34.06 -18.53
C3 GLC C . -19.84 33.55 -15.16
C4 GLC C . -16.13 34.91 -19.74
C4 GLC C . -18.55 34.37 -15.14
C5 GLC C . -16.29 34.11 -21.03
C5 GLC C . -17.64 33.99 -16.32
C6 GLC C . -16.00 34.94 -22.28
C6 GLC C . -16.26 34.64 -16.21
O2 GLC C . -17.07 31.83 -17.95
O2 GLC C . -20.65 31.21 -15.07
O3 GLC C . -16.39 35.64 -16.70
O3 GLC C . -20.69 33.87 -14.06
O4 GLC C . -16.98 36.07 -19.76
O4 GLC C . -18.84 35.78 -15.19
O5 GLC C . -15.39 33.00 -20.95
O5 GLC C . -17.47 32.56 -16.40
O6 GLC C . -14.75 34.57 -22.85
O6 GLC C . -16.31 36.02 -16.63
C1 GLC C . -14.64 35.02 -24.22
C1 GLC C . -15.17 36.36 -17.46
C2 GLC C . -13.24 35.61 -24.41
C2 GLC C . -15.19 37.84 -17.79
C3 GLC C . -13.15 37.12 -24.16
C3 GLC C . -16.53 38.12 -18.47
C4 GLC C . -14.29 37.84 -24.89
C4 GLC C . -16.60 37.31 -19.75
C5 GLC C . -15.60 37.28 -24.35
C5 GLC C . -16.23 35.83 -19.58
C6 GLC C . -16.81 38.04 -24.91
C6 GLC C . -15.95 35.11 -20.92
O2 GLC C . -12.36 34.93 -23.50
O2 GLC C . -15.02 38.67 -16.63
O3 GLC C . -11.89 37.60 -24.63
O3 GLC C . -16.70 39.53 -18.72
O4 GLC C . -14.20 39.26 -24.69
O4 GLC C . -17.95 37.41 -20.24
O5 GLC C . -15.69 35.89 -24.68
O5 GLC C . -15.10 35.65 -18.69
O6 GLC C . -17.97 37.81 -24.08
O6 GLC C . -14.98 35.77 -21.76
C1 GLC C . -19.20 38.33 -24.65
C1 GLC C . -14.91 35.16 -23.10
C2 GLC C . -20.30 38.27 -23.60
C2 GLC C . -13.52 35.30 -23.71
C3 GLC C . -20.54 36.82 -23.20
C3 GLC C . -13.19 36.78 -23.90
C4 GLC C . -20.82 35.96 -24.44
C4 GLC C . -14.27 37.48 -24.72
C5 GLC C . -19.83 36.22 -25.58
C5 GLC C . -15.66 37.14 -24.17
C6 GLC C . -20.24 35.55 -26.89
C6 GLC C . -16.79 37.70 -25.05
O2 GLC C . -19.97 39.09 -22.47
O2 GLC C . -12.54 34.64 -22.91
O3 GLC C . -21.62 36.73 -22.24
O3 GLC C . -11.91 36.90 -24.55
O4 GLC C . -20.79 34.57 -24.07
O4 GLC C . -14.07 38.90 -24.70
O5 GLC C . -19.65 37.62 -25.81
O5 GLC C . -15.81 35.73 -24.04
O6 GLC C . -21.55 36.00 -27.31
O6 GLC C . -17.93 37.95 -24.22
C1 GLC C . -21.72 35.82 -28.73
C1 GLC C . -19.18 37.83 -24.96
C2 GLC C . -22.98 36.54 -29.15
C2 GLC C . -20.34 37.78 -23.94
C3 GLC C . -24.17 35.84 -28.51
C3 GLC C . -20.39 36.42 -23.25
C4 GLC C . -24.22 34.39 -29.00
C4 GLC C . -20.42 35.31 -24.30
C5 GLC C . -22.91 33.66 -28.71
C5 GLC C . -19.23 35.42 -25.26
C6 GLC C . -22.85 32.28 -29.38
C6 GLC C . -19.26 34.33 -26.35
O2 GLC C . -22.89 37.94 -28.82
O2 GLC C . -20.19 38.82 -22.97
O3 GLC C . -25.37 36.54 -28.80
O3 GLC C . -21.54 36.34 -22.39
O4 GLC C . -25.31 33.69 -28.38
O4 GLC C . -20.41 34.03 -23.65
O5 GLC C . -21.77 34.44 -29.14
O5 GLC C . -19.23 36.72 -25.86
O6 GLC C . -23.51 31.28 -28.58
O6 GLC C . -18.03 33.60 -26.42
C1 GLC C . -22.78 30.03 -28.56
C1 GLC C . -18.13 32.55 -27.41
C2 GLC C . -23.61 28.94 -27.89
C2 GLC C . -19.31 32.80 -28.34
C3 GLC C . -23.98 29.44 -26.51
C3 GLC C . -20.64 32.08 -28.04
C4 GLC C . -22.71 29.65 -25.71
C4 GLC C . -20.49 30.87 -27.13
C5 GLC C . -21.63 30.46 -26.45
C5 GLC C . -19.41 31.16 -26.08
C6 GLC C . -20.23 30.36 -25.80
C6 GLC C . -19.31 30.06 -25.02
O2 GLC C . -24.77 28.61 -28.66
O2 GLC C . -19.57 34.20 -28.32
O3 GLC C . -24.88 28.54 -25.85
O3 GLC C . -21.22 31.68 -29.28
O4 GLC C . -23.09 30.34 -24.51
O4 GLC C . -21.74 30.60 -26.51
O5 GLC C . -21.54 30.09 -27.85
O5 GLC C . -18.19 31.28 -26.78
O6 GLC C . -19.75 29.01 -25.60
O6 GLC C . -18.32 29.10 -25.41
C1 GLC D . -14.69 3.50 7.10
C2 GLC D . -14.02 3.44 5.67
C3 GLC D . -15.03 3.58 4.50
C4 GLC D . -16.30 2.75 4.78
C5 GLC D . -16.85 2.86 6.24
C6 GLC D . -18.00 1.88 6.54
O1 GLC D . -15.20 4.78 7.54
O2 GLC D . -12.94 4.38 5.51
O3 GLC D . -14.42 3.21 3.22
O4 GLC D . -17.33 3.01 3.81
O5 GLC D . -15.78 2.57 7.19
O6 GLC D . -17.46 0.54 6.46
C1 GLC D . -18.41 -0.55 6.50
C2 GLC D . -17.67 -1.80 6.94
C3 GLC D . -16.65 -2.19 5.84
C4 GLC D . -17.35 -2.43 4.48
C5 GLC D . -18.41 -1.36 4.11
C6 GLC D . -19.50 -1.82 3.09
O2 GLC D . -17.07 -1.59 8.24
O3 GLC D . -15.94 -3.37 6.29
O4 GLC D . -16.35 -2.55 3.47
O5 GLC D . -19.11 -0.86 5.27
O6 GLC D . -20.84 -1.35 3.45
C1 GLC D . -21.63 -0.59 2.45
C2 GLC D . -21.63 0.95 2.63
C3 GLC D . -22.46 1.26 3.90
C4 GLC D . -23.93 0.96 3.58
C5 GLC D . -24.16 -0.47 3.03
C6 GLC D . -25.42 -0.40 2.16
O2 GLC D . -20.32 1.57 2.65
O3 GLC D . -22.29 2.62 4.30
O4 GLC D . -24.76 1.15 4.74
O5 GLC D . -23.03 -1.06 2.32
O6 GLC D . -25.93 -1.70 1.84
CA CA E . -16.33 12.38 -24.88
CA CA F . 5.12 -1.83 -16.84
NA NA G . 16.18 -18.65 -23.03
C1 MLI H . 4.08 11.54 -13.44
C1 MLI H . 3.92 11.56 -13.38
C2 MLI H . 4.62 11.18 -12.10
C3 MLI H . 2.82 12.22 -13.01
C3 MLI H . 4.96 11.81 -14.43
O6 MLI H . 4.31 10.06 -11.58
O8 MLI H . 1.73 11.74 -13.42
O8 MLI H . 5.44 12.93 -14.50
O9 MLI H . 2.95 13.20 -12.26
O9 MLI H . 5.31 10.87 -15.16
#